data_8RE0
#
_entry.id   8RE0
#
_cell.length_a   60.733
_cell.length_b   92.614
_cell.length_c   85.341
_cell.angle_alpha   90.000
_cell.angle_beta   105.240
_cell.angle_gamma   90.000
#
_symmetry.space_group_name_H-M   'P 1 21 1'
#
loop_
_entity.id
_entity.type
_entity.pdbx_description
1 polymer 'Quinoprotein glucose dehydrogenase B'
2 non-polymer 'CALCIUM ION'
3 non-polymer '3-(3,5-dicarboxy-1~{H}-pyrrol-2-yl)pyridine-2,4,6-tricarboxylic acid'
4 non-polymer 'LITHIUM ION'
5 water water
#
_entity_poly.entity_id   1
_entity_poly.type   'polypeptide(L)'
_entity_poly.pdbx_seq_one_letter_code
;DVPLTPSQFAKAKSENFDKKVILSNLNKPHALLWGPDNQIWLTERATGKILRVNPESGSVKTVFQVPEIVNDADGQNGLL
GFAFHPDFKNNPYIYISGTFKNPKSTDKELPNQTIIRRYTYNKSTDTLEKPVDLLAGLPSSKDHQSGRLVIGPDQKIYYT
IGDQGRNQLAYLFLPNQAQHTPTQQELNGKDYHTYMGKVLRLNLDGSIPKDNPSFNGVVSHIYTLGHRNPQGLAFTPNGK
LLQSEQGPNSDDEINLIVKGGNYGWPNVAGYKDDSGYAYANYSAAANKSIKDLAQNGVKVAAGVPVTKESEWTGKNFVPP
LKTLYTVQDTYNYNDPTCGEMTFICWPTVAPSSAYVYKGGKKAITGWENTLLVPSLKRGVIFRIKLDPTYSTTYDDAVPM
FKSNNRYRDVIASPDGNVLYVLTDTAGNVQKDDGSVTNTLENPGSLIKFTYKAK
;
_entity_poly.pdbx_strand_id   A,B
#
loop_
_chem_comp.id
_chem_comp.type
_chem_comp.name
_chem_comp.formula
A1H0D non-polymer '3-(3,5-dicarboxy-1~{H}-pyrrol-2-yl)pyridine-2,4,6-tricarboxylic acid' 'C14 H8 N2 O10'
CA non-polymer 'CALCIUM ION' 'Ca 2'
LI non-polymer 'LITHIUM ION' 'Li 1'
#
# COMPACT_ATOMS: atom_id res chain seq x y z
N ASP A 1 -10.65 1.47 -1.63
CA ASP A 1 -11.34 2.60 -2.32
C ASP A 1 -12.84 2.54 -2.00
N VAL A 2 -13.52 3.66 -2.27
CA VAL A 2 -14.95 3.85 -2.04
C VAL A 2 -15.72 3.42 -3.27
N PRO A 3 -16.84 2.72 -3.14
CA PRO A 3 -17.56 2.25 -4.33
C PRO A 3 -18.04 3.38 -5.22
N LEU A 4 -17.99 3.12 -6.53
CA LEU A 4 -18.66 3.98 -7.50
C LEU A 4 -20.16 3.72 -7.43
N THR A 5 -20.95 4.75 -7.78
CA THR A 5 -22.38 4.58 -7.85
C THR A 5 -22.82 3.96 -9.18
N PRO A 6 -24.05 3.45 -9.25
CA PRO A 6 -24.57 2.96 -10.55
C PRO A 6 -24.43 3.98 -11.65
N SER A 7 -24.72 5.25 -11.34
CA SER A 7 -24.53 6.32 -12.31
C SER A 7 -23.10 6.37 -12.80
N GLN A 8 -22.14 6.31 -11.88
CA GLN A 8 -20.74 6.41 -12.27
C GLN A 8 -20.33 5.25 -13.16
N PHE A 9 -20.87 4.05 -12.92
CA PHE A 9 -20.57 2.92 -13.79
C PHE A 9 -21.22 3.11 -15.16
N ALA A 10 -22.48 3.55 -15.16
CA ALA A 10 -23.21 3.63 -16.43
C ALA A 10 -22.60 4.63 -17.39
N LYS A 11 -21.86 5.61 -16.90
CA LYS A 11 -21.28 6.62 -17.76
C LYS A 11 -19.99 6.17 -18.41
N ALA A 12 -19.44 5.04 -17.99
CA ALA A 12 -18.17 4.54 -18.51
C ALA A 12 -18.38 3.75 -19.81
N LYS A 13 -18.88 4.45 -20.82
CA LYS A 13 -19.29 3.79 -22.06
C LYS A 13 -18.18 3.71 -23.10
N SER A 14 -17.07 4.41 -22.88
CA SER A 14 -15.89 4.32 -23.74
C SER A 14 -16.27 4.55 -25.21
N GLU A 15 -16.79 5.76 -25.46
CA GLU A 15 -17.21 6.13 -26.80
C GLU A 15 -16.04 6.31 -27.75
N ASN A 16 -14.81 6.29 -27.26
CA ASN A 16 -13.62 6.44 -28.09
C ASN A 16 -13.12 5.12 -28.69
N PHE A 17 -13.87 4.03 -28.54
CA PHE A 17 -13.50 2.75 -29.09
C PHE A 17 -14.63 2.21 -29.94
N ASP A 18 -14.26 1.46 -30.98
CA ASP A 18 -15.20 0.72 -31.81
C ASP A 18 -15.24 -0.73 -31.34
N LYS A 19 -16.44 -1.25 -31.12
CA LYS A 19 -16.65 -2.61 -30.63
C LYS A 19 -16.99 -3.54 -31.79
N LYS A 20 -16.35 -4.71 -31.81
CA LYS A 20 -16.70 -5.76 -32.77
C LYS A 20 -16.58 -7.14 -32.13
N VAL A 21 -17.63 -7.93 -32.31
CA VAL A 21 -17.64 -9.30 -31.82
C VAL A 21 -16.88 -10.16 -32.83
N ILE A 22 -15.83 -10.84 -32.38
CA ILE A 22 -15.10 -11.76 -33.26
C ILE A 22 -15.76 -13.15 -33.28
N LEU A 23 -15.98 -13.74 -32.11
CA LEU A 23 -16.65 -15.03 -31.98
C LEU A 23 -17.76 -14.89 -30.96
N SER A 24 -18.87 -15.59 -31.19
CA SER A 24 -20.01 -15.50 -30.29
C SER A 24 -20.55 -16.85 -29.87
N ASN A 25 -19.91 -17.94 -30.24
CA ASN A 25 -20.44 -19.25 -29.93
C ASN A 25 -19.60 -20.03 -28.94
N LEU A 26 -18.90 -19.34 -28.06
CA LEU A 26 -17.99 -19.99 -27.15
C LEU A 26 -18.71 -20.47 -25.91
N ASN A 27 -18.23 -21.58 -25.34
CA ASN A 27 -18.80 -22.16 -24.14
C ASN A 27 -17.82 -21.92 -22.99
N LYS A 28 -18.24 -21.09 -22.04
CA LYS A 28 -17.46 -20.73 -20.87
C LYS A 28 -15.99 -20.44 -21.23
N PRO A 29 -15.75 -19.52 -22.16
CA PRO A 29 -14.36 -19.15 -22.45
C PRO A 29 -13.75 -18.57 -21.18
N HIS A 30 -12.50 -18.92 -20.91
CA HIS A 30 -11.89 -18.57 -19.63
C HIS A 30 -10.61 -17.75 -19.74
N ALA A 31 -9.57 -18.26 -20.37
CA ALA A 31 -8.30 -17.57 -20.47
C ALA A 31 -8.03 -17.17 -21.92
N LEU A 32 -7.36 -16.02 -22.05
CA LEU A 32 -7.03 -15.37 -23.31
C LEU A 32 -5.55 -15.02 -23.32
N LEU A 33 -4.84 -15.40 -24.38
CA LEU A 33 -3.43 -15.07 -24.52
C LEU A 33 -3.08 -14.61 -25.93
N TRP A 34 -2.10 -13.71 -26.02
CA TRP A 34 -1.45 -13.37 -27.28
C TRP A 34 -0.30 -14.35 -27.45
N GLY A 35 -0.39 -15.22 -28.45
CA GLY A 35 0.53 -16.33 -28.57
C GLY A 35 1.84 -15.94 -29.25
N PRO A 36 2.81 -16.84 -29.15
CA PRO A 36 4.12 -16.60 -29.79
C PRO A 36 4.05 -16.62 -31.32
N ASP A 37 2.93 -17.07 -31.87
CA ASP A 37 2.67 -17.04 -33.30
C ASP A 37 1.87 -15.82 -33.72
N ASN A 38 1.75 -14.83 -32.83
CA ASN A 38 0.92 -13.63 -33.05
C ASN A 38 -0.53 -13.99 -33.36
N GLN A 39 -0.99 -15.13 -32.92
CA GLN A 39 -2.40 -15.45 -32.90
C GLN A 39 -2.95 -15.37 -31.48
N ILE A 40 -4.28 -15.26 -31.36
CA ILE A 40 -4.97 -15.27 -30.07
C ILE A 40 -5.35 -16.70 -29.70
N TRP A 41 -4.93 -17.14 -28.53
CA TRP A 41 -5.32 -18.45 -28.04
C TRP A 41 -6.23 -18.31 -26.83
N LEU A 42 -7.22 -19.19 -26.72
CA LEU A 42 -8.18 -19.06 -25.64
C LEU A 42 -8.67 -20.44 -25.26
N THR A 43 -9.20 -20.55 -24.04
CA THR A 43 -9.63 -21.82 -23.47
C THR A 43 -11.14 -21.77 -23.25
N GLU A 44 -11.74 -22.96 -23.32
CA GLU A 44 -13.11 -23.19 -22.87
C GLU A 44 -13.05 -24.05 -21.60
N ARG A 45 -13.57 -23.51 -20.51
CA ARG A 45 -13.33 -24.13 -19.21
C ARG A 45 -14.01 -25.49 -19.06
N ALA A 46 -15.24 -25.63 -19.54
CA ALA A 46 -15.96 -26.88 -19.32
C ALA A 46 -15.62 -27.94 -20.36
N THR A 47 -15.47 -27.56 -21.63
CA THR A 47 -15.14 -28.55 -22.66
C THR A 47 -13.68 -28.96 -22.62
N GLY A 48 -12.81 -28.11 -22.12
CA GLY A 48 -11.39 -28.37 -22.20
C GLY A 48 -10.74 -28.03 -23.51
N LYS A 49 -11.43 -27.31 -24.39
CA LYS A 49 -10.88 -26.99 -25.69
C LYS A 49 -9.93 -25.80 -25.63
N ILE A 50 -8.87 -25.87 -26.45
CA ILE A 50 -7.93 -24.79 -26.66
C ILE A 50 -8.11 -24.34 -28.11
N LEU A 51 -8.47 -23.09 -28.29
CA LEU A 51 -8.76 -22.52 -29.59
C LEU A 51 -7.69 -21.49 -29.94
N ARG A 52 -7.43 -21.35 -31.23
CA ARG A 52 -6.55 -20.31 -31.75
C ARG A 52 -7.29 -19.52 -32.81
N VAL A 53 -7.26 -18.20 -32.67
CA VAL A 53 -7.99 -17.27 -33.52
C VAL A 53 -7.00 -16.35 -34.23
N ASN A 54 -7.17 -16.20 -35.54
CA ASN A 54 -6.39 -15.25 -36.32
C ASN A 54 -6.93 -13.86 -36.03
N PRO A 55 -6.15 -12.98 -35.40
CA PRO A 55 -6.70 -11.68 -35.00
C PRO A 55 -7.14 -10.82 -36.17
N GLU A 56 -6.50 -10.99 -37.33
CA GLU A 56 -6.82 -10.16 -38.47
C GLU A 56 -8.13 -10.58 -39.13
N SER A 57 -8.27 -11.88 -39.42
CA SER A 57 -9.42 -12.40 -40.15
C SER A 57 -10.55 -12.91 -39.25
N GLY A 58 -10.20 -13.50 -38.13
CA GLY A 58 -11.17 -14.06 -37.23
C GLY A 58 -11.41 -15.54 -37.41
N SER A 59 -10.67 -16.20 -38.30
CA SER A 59 -10.79 -17.64 -38.44
C SER A 59 -10.25 -18.33 -37.20
N VAL A 60 -10.88 -19.44 -36.84
CA VAL A 60 -10.56 -20.12 -35.59
C VAL A 60 -10.41 -21.62 -35.83
N LYS A 61 -9.52 -22.22 -35.06
CA LYS A 61 -9.27 -23.65 -35.06
C LYS A 61 -9.28 -24.15 -33.62
N THR A 62 -9.87 -25.32 -33.41
CA THR A 62 -9.72 -26.04 -32.15
C THR A 62 -8.43 -26.85 -32.22
N VAL A 63 -7.41 -26.38 -31.52
CA VAL A 63 -6.09 -27.00 -31.60
C VAL A 63 -6.08 -28.32 -30.86
N PHE A 64 -6.77 -28.38 -29.72
CA PHE A 64 -6.69 -29.53 -28.82
C PHE A 64 -7.86 -29.47 -27.85
N GLN A 65 -8.32 -30.63 -27.40
CA GLN A 65 -9.29 -30.74 -26.33
C GLN A 65 -8.69 -31.60 -25.23
N VAL A 66 -8.53 -31.02 -24.04
CA VAL A 66 -7.90 -31.75 -22.95
C VAL A 66 -8.85 -32.85 -22.52
N PRO A 67 -8.47 -34.12 -22.61
CA PRO A 67 -9.41 -35.19 -22.27
C PRO A 67 -9.69 -35.27 -20.77
N GLU A 68 -10.89 -35.76 -20.46
CA GLU A 68 -11.32 -36.11 -19.10
C GLU A 68 -11.34 -34.91 -18.16
N ILE A 69 -11.44 -33.69 -18.70
CA ILE A 69 -11.65 -32.55 -17.84
C ILE A 69 -13.01 -32.70 -17.17
N VAL A 70 -13.05 -32.42 -15.87
CA VAL A 70 -14.27 -32.54 -15.07
C VAL A 70 -14.78 -31.15 -14.78
N ASN A 71 -16.08 -30.95 -15.00
CA ASN A 71 -16.69 -29.64 -14.78
C ASN A 71 -18.11 -29.84 -14.30
N ASP A 72 -18.51 -29.06 -13.30
CA ASP A 72 -19.86 -29.08 -12.77
C ASP A 72 -20.59 -27.82 -13.26
N ALA A 73 -21.84 -27.99 -13.66
CA ALA A 73 -22.59 -26.87 -14.19
C ALA A 73 -22.69 -25.72 -13.20
N ASP A 74 -22.77 -26.03 -11.91
CA ASP A 74 -22.87 -25.02 -10.87
C ASP A 74 -21.51 -24.68 -10.28
N GLY A 75 -20.42 -24.99 -10.99
CA GLY A 75 -19.10 -24.88 -10.41
C GLY A 75 -18.17 -24.07 -11.30
N GLN A 76 -17.02 -23.73 -10.72
CA GLN A 76 -15.99 -22.96 -11.39
C GLN A 76 -14.77 -23.82 -11.72
N ASN A 77 -14.95 -25.15 -11.78
CA ASN A 77 -13.87 -26.07 -12.05
C ASN A 77 -13.82 -26.34 -13.54
N GLY A 78 -12.78 -27.10 -13.95
CA GLY A 78 -12.61 -27.43 -15.35
C GLY A 78 -11.19 -27.17 -15.80
N LEU A 79 -11.04 -26.73 -17.07
CA LEU A 79 -9.75 -26.32 -17.61
C LEU A 79 -9.48 -24.88 -17.18
N LEU A 80 -8.34 -24.64 -16.51
CA LEU A 80 -8.05 -23.35 -15.88
C LEU A 80 -6.75 -22.75 -16.36
N GLY A 81 -5.63 -23.19 -15.80
CA GLY A 81 -4.37 -22.59 -16.13
C GLY A 81 -3.98 -22.82 -17.58
N PHE A 82 -3.24 -21.86 -18.15
CA PHE A 82 -2.87 -21.89 -19.57
C PHE A 82 -1.75 -20.89 -19.84
N ALA A 83 -0.57 -21.37 -20.25
CA ALA A 83 0.56 -20.50 -20.56
C ALA A 83 1.50 -21.20 -21.53
N PHE A 84 2.20 -20.38 -22.33
CA PHE A 84 3.25 -20.86 -23.21
C PHE A 84 4.62 -20.78 -22.53
N HIS A 85 5.51 -21.72 -22.85
CA HIS A 85 6.90 -21.56 -22.47
C HIS A 85 7.42 -20.26 -23.09
N PRO A 86 8.22 -19.47 -22.37
CA PRO A 86 8.63 -18.14 -22.90
C PRO A 86 9.59 -18.21 -24.07
N ASP A 87 10.26 -19.35 -24.26
CA ASP A 87 11.18 -19.57 -25.36
C ASP A 87 10.57 -20.67 -26.23
N PHE A 88 9.35 -20.42 -26.70
CA PHE A 88 8.54 -21.46 -27.34
C PHE A 88 9.19 -22.00 -28.60
N LYS A 89 9.91 -21.17 -29.34
CA LYS A 89 10.59 -21.62 -30.55
C LYS A 89 11.49 -22.82 -30.27
N ASN A 90 12.23 -22.77 -29.17
CA ASN A 90 13.18 -23.80 -28.80
C ASN A 90 12.64 -24.76 -27.75
N ASN A 91 11.46 -24.48 -27.19
CA ASN A 91 10.89 -25.28 -26.11
C ASN A 91 9.38 -25.23 -26.31
N PRO A 92 8.85 -26.01 -27.26
CA PRO A 92 7.44 -25.88 -27.69
C PRO A 92 6.47 -26.52 -26.69
N TYR A 93 6.42 -25.95 -25.49
CA TYR A 93 5.60 -26.49 -24.41
C TYR A 93 4.46 -25.54 -24.08
N ILE A 94 3.32 -26.15 -23.75
CA ILE A 94 2.16 -25.43 -23.21
C ILE A 94 1.87 -26.05 -21.85
N TYR A 95 1.60 -25.20 -20.87
CA TYR A 95 1.33 -25.60 -19.50
C TYR A 95 -0.11 -25.27 -19.17
N ILE A 96 -0.83 -26.24 -18.61
CA ILE A 96 -2.21 -26.06 -18.23
C ILE A 96 -2.39 -26.56 -16.81
N SER A 97 -3.53 -26.20 -16.24
CA SER A 97 -4.04 -26.83 -15.04
C SER A 97 -5.49 -27.19 -15.31
N GLY A 98 -5.93 -28.25 -14.65
CA GLY A 98 -7.29 -28.70 -14.89
C GLY A 98 -7.81 -29.56 -13.77
N THR A 99 -9.14 -29.66 -13.72
CA THR A 99 -9.85 -30.51 -12.78
C THR A 99 -9.96 -31.92 -13.38
N PHE A 100 -9.53 -32.93 -12.63
CA PHE A 100 -9.60 -34.31 -13.07
C PHE A 100 -10.06 -35.17 -11.92
N LYS A 101 -10.69 -36.30 -12.21
CA LYS A 101 -11.04 -37.20 -11.13
C LYS A 101 -9.77 -37.62 -10.39
N ASN A 102 -9.90 -37.81 -9.07
CA ASN A 102 -8.80 -38.27 -8.23
C ASN A 102 -9.07 -39.71 -7.83
N PRO A 103 -8.40 -40.68 -8.45
CA PRO A 103 -8.67 -42.09 -8.11
C PRO A 103 -8.39 -42.43 -6.65
N LYS A 104 -7.59 -41.62 -5.96
CA LYS A 104 -7.32 -41.86 -4.55
C LYS A 104 -8.37 -41.27 -3.62
N SER A 105 -9.25 -40.42 -4.13
CA SER A 105 -10.16 -39.69 -3.25
C SER A 105 -11.12 -40.64 -2.55
N THR A 106 -11.21 -40.51 -1.23
CA THR A 106 -12.17 -41.24 -0.41
C THR A 106 -13.26 -40.31 0.11
N ASP A 107 -13.45 -39.18 -0.57
CA ASP A 107 -14.45 -38.16 -0.20
C ASP A 107 -15.37 -37.98 -1.40
N LYS A 108 -16.59 -38.51 -1.31
CA LYS A 108 -17.53 -38.39 -2.40
C LYS A 108 -18.00 -36.95 -2.62
N GLU A 109 -17.77 -36.07 -1.65
CA GLU A 109 -18.07 -34.65 -1.81
C GLU A 109 -16.92 -33.88 -2.48
N LEU A 110 -15.69 -34.39 -2.40
CA LEU A 110 -14.54 -33.81 -3.06
C LEU A 110 -13.82 -34.91 -3.84
N PRO A 111 -14.40 -35.34 -4.96
CA PRO A 111 -13.84 -36.50 -5.69
C PRO A 111 -12.68 -36.17 -6.64
N ASN A 112 -12.33 -34.92 -6.81
CA ASN A 112 -11.43 -34.52 -7.88
C ASN A 112 -10.13 -33.99 -7.34
N GLN A 113 -9.19 -33.80 -8.26
CA GLN A 113 -7.92 -33.17 -7.99
C GLN A 113 -7.70 -32.09 -9.06
N THR A 114 -6.77 -31.21 -8.79
CA THR A 114 -6.23 -30.32 -9.79
C THR A 114 -4.85 -30.82 -10.19
N ILE A 115 -4.56 -30.79 -11.49
CA ILE A 115 -3.27 -31.21 -12.01
C ILE A 115 -2.69 -30.09 -12.85
N ILE A 116 -1.42 -29.78 -12.60
CA ILE A 116 -0.64 -28.91 -13.48
C ILE A 116 0.11 -29.83 -14.45
N ARG A 117 -0.10 -29.64 -15.74
CA ARG A 117 0.31 -30.57 -16.77
C ARG A 117 0.94 -29.81 -17.92
N ARG A 118 1.97 -30.41 -18.51
CA ARG A 118 2.65 -29.86 -19.67
C ARG A 118 2.31 -30.69 -20.91
N TYR A 119 2.14 -29.99 -22.03
CA TYR A 119 1.94 -30.62 -23.33
C TYR A 119 3.05 -30.12 -24.25
N THR A 120 3.40 -30.95 -25.24
CA THR A 120 4.33 -30.56 -26.28
C THR A 120 3.55 -30.24 -27.55
N TYR A 121 3.82 -29.07 -28.12
CA TYR A 121 3.12 -28.66 -29.33
C TYR A 121 3.85 -29.23 -30.54
N ASN A 122 3.10 -29.83 -31.45
CA ASN A 122 3.63 -30.41 -32.69
C ASN A 122 3.20 -29.48 -33.83
N LYS A 123 4.13 -28.68 -34.34
CA LYS A 123 3.76 -27.69 -35.35
C LYS A 123 3.43 -28.34 -36.68
N SER A 124 3.89 -29.57 -36.91
CA SER A 124 3.64 -30.21 -38.20
C SER A 124 2.22 -30.73 -38.29
N THR A 125 1.64 -31.17 -37.17
CA THR A 125 0.27 -31.62 -37.13
C THR A 125 -0.66 -30.67 -36.39
N ASP A 126 -0.13 -29.56 -35.88
CA ASP A 126 -0.90 -28.55 -35.18
C ASP A 126 -1.77 -29.14 -34.07
N THR A 127 -1.13 -29.85 -33.15
CA THR A 127 -1.86 -30.36 -31.99
C THR A 127 -0.89 -30.52 -30.83
N LEU A 128 -1.45 -30.89 -29.68
CA LEU A 128 -0.70 -31.06 -28.44
C LEU A 128 -0.51 -32.55 -28.19
N GLU A 129 0.65 -32.90 -27.66
CA GLU A 129 1.02 -34.31 -27.48
C GLU A 129 1.94 -34.46 -26.28
N LYS A 130 2.20 -35.71 -25.94
CA LYS A 130 3.13 -36.08 -24.87
C LYS A 130 2.79 -35.39 -23.56
N PRO A 131 1.61 -35.62 -23.00
CA PRO A 131 1.25 -35.00 -21.72
C PRO A 131 2.16 -35.49 -20.60
N VAL A 132 2.44 -34.59 -19.66
CA VAL A 132 3.31 -34.88 -18.52
C VAL A 132 2.73 -34.15 -17.32
N ASP A 133 2.43 -34.89 -16.25
CA ASP A 133 1.87 -34.29 -15.04
C ASP A 133 3.01 -33.73 -14.22
N LEU A 134 3.07 -32.40 -14.09
CA LEU A 134 4.12 -31.79 -13.31
C LEU A 134 3.81 -31.80 -11.81
N LEU A 135 2.58 -31.48 -11.43
CA LEU A 135 2.15 -31.47 -10.04
C LEU A 135 0.71 -31.92 -9.97
N ALA A 136 0.48 -33.08 -9.34
CA ALA A 136 -0.84 -33.69 -9.26
C ALA A 136 -1.29 -33.79 -7.81
N GLY A 137 -2.55 -34.17 -7.61
CA GLY A 137 -3.09 -34.29 -6.26
C GLY A 137 -3.33 -32.97 -5.56
N LEU A 138 -3.45 -31.89 -6.30
CA LEU A 138 -3.77 -30.63 -5.68
C LEU A 138 -5.26 -30.57 -5.34
N PRO A 139 -5.63 -29.74 -4.37
CA PRO A 139 -7.06 -29.60 -4.02
C PRO A 139 -7.90 -29.22 -5.21
N SER A 140 -9.17 -29.66 -5.17
CA SER A 140 -10.17 -29.32 -6.17
C SER A 140 -11.52 -29.22 -5.45
N SER A 141 -12.36 -28.31 -5.92
CA SER A 141 -13.75 -28.18 -5.50
C SER A 141 -14.51 -27.40 -6.57
N LYS A 142 -15.78 -27.12 -6.30
CA LYS A 142 -16.55 -26.31 -7.23
C LYS A 142 -16.33 -24.82 -7.09
N ASP A 143 -15.72 -24.37 -5.99
CA ASP A 143 -15.65 -22.96 -5.64
C ASP A 143 -14.21 -22.48 -5.51
N HIS A 144 -13.96 -21.24 -5.95
CA HIS A 144 -12.71 -20.52 -5.68
C HIS A 144 -11.51 -21.39 -6.04
N GLN A 145 -11.49 -21.79 -7.31
CA GLN A 145 -10.36 -22.56 -7.83
C GLN A 145 -9.21 -21.69 -8.31
N SER A 146 -9.52 -20.49 -8.84
CA SER A 146 -8.52 -19.53 -9.35
C SER A 146 -7.80 -20.12 -10.56
N GLY A 147 -6.58 -20.60 -10.37
CA GLY A 147 -5.89 -21.33 -11.42
C GLY A 147 -5.17 -20.52 -12.49
N ARG A 148 -4.80 -19.26 -12.22
CA ARG A 148 -3.95 -18.55 -13.17
C ARG A 148 -2.55 -19.13 -13.13
N LEU A 149 -2.00 -19.37 -14.32
CA LEU A 149 -0.71 -20.02 -14.47
C LEU A 149 0.13 -19.13 -15.38
N VAL A 150 1.22 -18.59 -14.83
CA VAL A 150 2.13 -17.74 -15.59
C VAL A 150 3.55 -18.23 -15.36
N ILE A 151 4.45 -17.90 -16.28
CA ILE A 151 5.86 -18.21 -16.14
C ILE A 151 6.61 -16.90 -15.98
N GLY A 152 7.38 -16.81 -14.91
CA GLY A 152 8.03 -15.57 -14.56
C GLY A 152 9.34 -15.34 -15.29
N PRO A 153 9.95 -14.18 -15.08
CA PRO A 153 11.26 -13.93 -15.70
C PRO A 153 12.33 -14.86 -15.19
N ASP A 154 12.13 -15.46 -14.02
CA ASP A 154 13.03 -16.48 -13.49
C ASP A 154 12.78 -17.85 -14.09
N GLN A 155 11.90 -17.93 -15.10
CA GLN A 155 11.53 -19.18 -15.74
C GLN A 155 10.99 -20.21 -14.75
N LYS A 156 10.27 -19.73 -13.74
CA LYS A 156 9.51 -20.59 -12.84
C LYS A 156 8.03 -20.45 -13.13
N ILE A 157 7.26 -21.50 -12.86
CA ILE A 157 5.81 -21.42 -12.94
C ILE A 157 5.25 -20.79 -11.67
N TYR A 158 4.39 -19.80 -11.82
CA TYR A 158 3.62 -19.25 -10.72
C TYR A 158 2.17 -19.62 -10.94
N TYR A 159 1.54 -20.18 -9.90
CA TYR A 159 0.20 -20.74 -10.05
C TYR A 159 -0.66 -20.33 -8.87
N THR A 160 -1.82 -19.72 -9.14
CA THR A 160 -2.75 -19.36 -8.06
C THR A 160 -3.74 -20.50 -7.82
N ILE A 161 -3.93 -20.85 -6.56
CA ILE A 161 -4.89 -21.88 -6.19
C ILE A 161 -5.75 -21.34 -5.04
N GLY A 162 -7.03 -21.23 -5.30
CA GLY A 162 -7.92 -20.54 -4.38
C GLY A 162 -8.20 -21.37 -3.15
N ASP A 163 -8.97 -20.75 -2.23
CA ASP A 163 -9.24 -21.38 -0.95
C ASP A 163 -10.35 -22.43 -1.02
N GLN A 164 -10.78 -22.80 -2.23
CA GLN A 164 -11.72 -23.89 -2.48
C GLN A 164 -13.11 -23.59 -1.95
N GLY A 165 -13.38 -22.36 -1.52
CA GLY A 165 -14.69 -21.99 -1.03
C GLY A 165 -14.96 -22.35 0.42
N ARG A 166 -13.95 -22.81 1.14
CA ARG A 166 -14.19 -23.17 2.53
C ARG A 166 -14.63 -21.95 3.33
N ASN A 167 -15.59 -22.17 4.25
CA ASN A 167 -16.18 -21.15 5.09
C ASN A 167 -17.21 -20.30 4.36
N GLN A 168 -17.78 -20.80 3.28
CA GLN A 168 -18.97 -20.21 2.67
C GLN A 168 -19.77 -21.29 1.95
N LEU A 169 -21.10 -21.06 1.89
CA LEU A 169 -22.09 -21.83 1.17
C LEU A 169 -21.87 -23.34 1.30
N ALA A 170 -21.66 -24.04 0.20
CA ALA A 170 -21.64 -25.50 0.28
C ALA A 170 -20.49 -26.03 1.12
N TYR A 171 -19.45 -25.24 1.33
CA TYR A 171 -18.30 -25.66 2.12
C TYR A 171 -18.17 -24.87 3.42
N LEU A 172 -19.30 -24.40 3.94
CA LEU A 172 -19.30 -23.48 5.06
C LEU A 172 -18.56 -24.02 6.28
N PHE A 173 -18.72 -25.30 6.59
CA PHE A 173 -18.17 -25.84 7.81
C PHE A 173 -16.82 -26.50 7.64
N LEU A 174 -16.22 -26.42 6.45
CA LEU A 174 -14.84 -26.89 6.29
C LEU A 174 -13.87 -25.80 6.75
N PRO A 175 -12.84 -26.17 7.51
CA PRO A 175 -11.89 -25.15 8.00
C PRO A 175 -11.02 -24.62 6.86
N ASN A 176 -11.01 -23.30 6.71
CA ASN A 176 -10.23 -22.67 5.65
C ASN A 176 -8.75 -22.92 5.87
N GLN A 177 -8.07 -23.27 4.78
CA GLN A 177 -6.64 -23.60 4.84
C GLN A 177 -5.74 -22.52 4.27
N ALA A 178 -6.29 -21.34 3.97
CA ALA A 178 -5.48 -20.31 3.32
C ALA A 178 -4.24 -19.98 4.14
N GLN A 179 -4.34 -20.02 5.46
CA GLN A 179 -3.21 -19.72 6.32
C GLN A 179 -2.30 -20.92 6.59
N HIS A 180 -2.72 -22.14 6.25
CA HIS A 180 -2.01 -23.34 6.69
C HIS A 180 -0.98 -23.77 5.66
N THR A 181 0.04 -24.48 6.14
CA THR A 181 1.22 -24.84 5.36
C THR A 181 1.60 -26.27 5.67
N PRO A 182 2.31 -26.93 4.75
CA PRO A 182 2.59 -28.36 4.94
C PRO A 182 3.74 -28.61 5.90
N THR A 183 3.70 -29.77 6.53
CA THR A 183 4.86 -30.31 7.22
C THR A 183 5.78 -30.97 6.21
N GLN A 184 7.02 -31.24 6.63
CA GLN A 184 7.92 -31.96 5.74
C GLN A 184 7.41 -33.37 5.46
N GLN A 185 6.78 -34.00 6.45
CA GLN A 185 6.19 -35.32 6.24
C GLN A 185 5.12 -35.27 5.16
N GLU A 186 4.27 -34.23 5.18
CA GLU A 186 3.25 -34.11 4.15
C GLU A 186 3.87 -33.93 2.77
N LEU A 187 4.96 -33.16 2.66
CA LEU A 187 5.64 -33.03 1.38
C LEU A 187 6.19 -34.37 0.91
N ASN A 188 6.73 -35.17 1.84
CA ASN A 188 7.29 -36.47 1.46
C ASN A 188 6.23 -37.37 0.86
N GLY A 189 5.01 -37.33 1.39
CA GLY A 189 3.92 -38.10 0.87
C GLY A 189 3.13 -37.38 -0.19
N LYS A 190 3.62 -36.25 -0.68
CA LYS A 190 2.90 -35.47 -1.70
C LYS A 190 1.44 -35.24 -1.27
N ASP A 191 1.28 -34.85 -0.01
CA ASP A 191 -0.02 -34.48 0.55
C ASP A 191 -0.10 -32.95 0.46
N TYR A 192 -0.84 -32.43 -0.52
CA TYR A 192 -0.91 -31.00 -0.80
C TYR A 192 -2.22 -30.38 -0.32
N HIS A 193 -2.81 -30.92 0.74
CA HIS A 193 -4.11 -30.42 1.18
C HIS A 193 -4.02 -29.00 1.67
N THR A 194 -2.85 -28.53 2.09
CA THR A 194 -2.69 -27.13 2.51
C THR A 194 -2.47 -26.19 1.35
N TYR A 195 -2.34 -26.73 0.13
CA TYR A 195 -2.22 -25.88 -1.06
C TYR A 195 -3.60 -25.35 -1.45
N MET A 196 -4.17 -24.56 -0.51
CA MET A 196 -5.40 -23.86 -0.79
C MET A 196 -5.16 -22.39 -0.38
N GLY A 197 -5.58 -21.47 -1.23
CA GLY A 197 -5.41 -20.04 -0.98
C GLY A 197 -3.96 -19.62 -1.02
N LYS A 198 -3.25 -20.06 -2.06
CA LYS A 198 -1.83 -19.86 -2.22
C LYS A 198 -1.51 -19.34 -3.62
N VAL A 199 -0.36 -18.67 -3.72
CA VAL A 199 0.37 -18.59 -4.98
C VAL A 199 1.50 -19.61 -4.86
N LEU A 200 1.55 -20.57 -5.77
CA LEU A 200 2.63 -21.55 -5.80
C LEU A 200 3.69 -21.08 -6.78
N ARG A 201 4.94 -21.44 -6.49
CA ARG A 201 6.07 -21.19 -7.39
C ARG A 201 6.75 -22.54 -7.57
N LEU A 202 6.77 -23.02 -8.81
CA LEU A 202 7.27 -24.34 -9.13
C LEU A 202 8.37 -24.25 -10.18
N ASN A 203 9.29 -25.22 -10.15
CA ASN A 203 10.19 -25.45 -11.27
C ASN A 203 9.39 -25.96 -12.46
N LEU A 204 9.98 -25.86 -13.65
CA LEU A 204 9.26 -26.27 -14.84
C LEU A 204 9.00 -27.77 -14.91
N ASP A 205 9.66 -28.58 -14.08
CA ASP A 205 9.37 -30.00 -13.98
C ASP A 205 8.46 -30.32 -12.81
N GLY A 206 7.91 -29.30 -12.16
CA GLY A 206 7.02 -29.50 -11.02
C GLY A 206 7.68 -29.50 -9.66
N SER A 207 9.01 -29.53 -9.60
CA SER A 207 9.70 -29.66 -8.33
C SER A 207 9.73 -28.33 -7.58
N ILE A 208 10.23 -28.38 -6.35
CA ILE A 208 10.26 -27.22 -5.45
C ILE A 208 11.53 -26.42 -5.71
N PRO A 209 11.43 -25.15 -6.10
CA PRO A 209 12.65 -24.33 -6.22
C PRO A 209 13.44 -24.29 -4.92
N LYS A 210 14.76 -24.43 -5.02
CA LYS A 210 15.59 -24.40 -3.82
C LYS A 210 15.66 -23.03 -3.15
N ASP A 211 15.14 -21.98 -3.77
CA ASP A 211 15.11 -20.65 -3.16
C ASP A 211 13.67 -20.16 -2.97
N ASN A 212 12.72 -21.09 -2.90
CA ASN A 212 11.38 -20.73 -2.47
C ASN A 212 11.46 -20.28 -1.01
N PRO A 213 10.48 -19.49 -0.56
CA PRO A 213 10.47 -19.05 0.84
C PRO A 213 10.10 -20.18 1.79
N SER A 214 10.40 -19.97 3.07
CA SER A 214 10.03 -20.88 4.13
C SER A 214 8.77 -20.37 4.83
N PHE A 215 7.88 -21.29 5.17
CA PHE A 215 6.72 -21.00 6.00
C PHE A 215 6.66 -22.02 7.12
N ASN A 216 6.56 -21.54 8.36
CA ASN A 216 6.52 -22.41 9.53
C ASN A 216 7.62 -23.45 9.47
N GLY A 217 8.80 -23.03 9.01
CA GLY A 217 9.98 -23.86 9.04
C GLY A 217 10.15 -24.83 7.88
N VAL A 218 9.30 -24.74 6.86
CA VAL A 218 9.30 -25.69 5.75
C VAL A 218 9.28 -24.92 4.44
N VAL A 219 10.14 -25.31 3.50
CA VAL A 219 10.13 -24.75 2.15
C VAL A 219 9.31 -25.71 1.28
N SER A 220 8.19 -25.24 0.72
CA SER A 220 7.34 -26.03 -0.16
C SER A 220 7.15 -25.31 -1.48
N HIS A 221 6.16 -25.75 -2.26
CA HIS A 221 5.85 -25.02 -3.49
C HIS A 221 5.22 -23.67 -3.18
N ILE A 222 4.80 -23.41 -1.95
CA ILE A 222 4.12 -22.16 -1.61
C ILE A 222 5.08 -20.98 -1.73
N TYR A 223 4.64 -19.94 -2.41
CA TYR A 223 5.35 -18.67 -2.55
C TYR A 223 4.71 -17.60 -1.67
N THR A 224 3.39 -17.51 -1.73
CA THR A 224 2.63 -16.66 -0.84
C THR A 224 1.39 -17.42 -0.37
N LEU A 225 0.82 -17.01 0.77
CA LEU A 225 -0.37 -17.65 1.30
C LEU A 225 -1.37 -16.59 1.75
N GLY A 226 -2.53 -17.06 2.22
CA GLY A 226 -3.56 -16.16 2.69
C GLY A 226 -4.38 -15.50 1.61
N HIS A 227 -4.76 -16.25 0.58
CA HIS A 227 -5.59 -15.76 -0.51
C HIS A 227 -6.95 -16.46 -0.52
N ARG A 228 -7.94 -15.75 -1.05
CA ARG A 228 -9.30 -16.29 -1.18
C ARG A 228 -9.49 -16.84 -2.59
N ASN A 229 -9.72 -15.97 -3.57
CA ASN A 229 -9.88 -16.41 -4.96
C ASN A 229 -9.08 -15.47 -5.87
N PRO A 230 -7.79 -15.71 -5.98
CA PRO A 230 -6.96 -14.82 -6.81
C PRO A 230 -6.90 -15.23 -8.27
N GLN A 231 -7.78 -14.66 -9.08
CA GLN A 231 -7.88 -15.05 -10.48
C GLN A 231 -7.00 -14.24 -11.41
N GLY A 232 -6.38 -13.16 -10.94
CA GLY A 232 -5.49 -12.36 -11.76
C GLY A 232 -4.05 -12.45 -11.30
N LEU A 233 -3.14 -12.67 -12.25
CA LEU A 233 -1.71 -12.74 -11.97
C LEU A 233 -0.98 -12.25 -13.21
N ALA A 234 -0.05 -11.30 -13.04
CA ALA A 234 0.65 -10.74 -14.20
C ALA A 234 1.95 -10.09 -13.77
N PHE A 235 3.03 -10.43 -14.48
CA PHE A 235 4.31 -9.79 -14.23
C PHE A 235 4.40 -8.45 -14.96
N THR A 236 5.12 -7.51 -14.33
CA THR A 236 5.38 -6.22 -14.96
C THR A 236 6.69 -6.29 -15.72
N PRO A 237 6.96 -5.32 -16.60
CA PRO A 237 8.24 -5.34 -17.35
C PRO A 237 9.48 -5.28 -16.46
N ASN A 238 9.38 -4.73 -15.25
CA ASN A 238 10.51 -4.70 -14.33
C ASN A 238 10.45 -5.84 -13.29
N GLY A 239 9.66 -6.87 -13.56
CA GLY A 239 9.77 -8.11 -12.82
C GLY A 239 8.94 -8.20 -11.57
N LYS A 240 8.07 -7.23 -11.31
CA LYS A 240 7.16 -7.29 -10.18
C LYS A 240 5.91 -8.08 -10.56
N LEU A 241 5.22 -8.59 -9.55
CA LEU A 241 4.10 -9.50 -9.74
C LEU A 241 2.85 -8.88 -9.18
N LEU A 242 1.96 -8.46 -10.07
CA LEU A 242 0.67 -7.90 -9.70
C LEU A 242 -0.38 -8.99 -9.74
N GLN A 243 -1.44 -8.79 -8.96
CA GLN A 243 -2.46 -9.81 -8.74
C GLN A 243 -3.80 -9.14 -8.46
N SER A 244 -4.89 -9.82 -8.86
CA SER A 244 -6.22 -9.42 -8.45
C SER A 244 -6.88 -10.62 -7.77
N GLU A 245 -7.82 -10.33 -6.86
CA GLU A 245 -8.36 -11.38 -6.02
C GLU A 245 -9.77 -11.00 -5.60
N GLN A 246 -10.68 -11.97 -5.60
CA GLN A 246 -12.05 -11.73 -5.19
C GLN A 246 -12.17 -11.87 -3.67
N GLY A 247 -12.72 -10.84 -3.02
CA GLY A 247 -13.10 -10.90 -1.62
C GLY A 247 -14.54 -11.36 -1.47
N PRO A 248 -15.01 -11.43 -0.21
CA PRO A 248 -16.38 -11.91 0.08
C PRO A 248 -17.46 -10.88 -0.27
N ASN A 249 -18.16 -10.30 0.71
CA ASN A 249 -19.13 -9.25 0.38
C ASN A 249 -18.47 -7.91 0.09
N SER A 250 -17.15 -7.84 0.24
CA SER A 250 -16.41 -6.60 0.18
C SER A 250 -14.97 -6.93 -0.16
N ASP A 251 -14.18 -5.88 -0.37
CA ASP A 251 -12.72 -5.98 -0.37
C ASP A 251 -12.17 -6.97 -1.38
N ASP A 252 -12.64 -6.89 -2.63
CA ASP A 252 -11.80 -7.37 -3.72
C ASP A 252 -10.48 -6.62 -3.65
N GLU A 253 -9.40 -7.25 -4.13
CA GLU A 253 -8.06 -6.70 -3.96
C GLU A 253 -7.25 -6.66 -5.26
N ILE A 254 -6.41 -5.63 -5.34
CA ILE A 254 -5.23 -5.61 -6.20
C ILE A 254 -4.04 -5.77 -5.25
N ASN A 255 -3.23 -6.81 -5.48
CA ASN A 255 -2.10 -7.08 -4.60
C ASN A 255 -0.78 -7.02 -5.36
N LEU A 256 0.28 -6.67 -4.63
CA LEU A 256 1.66 -6.82 -5.05
C LEU A 256 2.21 -8.07 -4.35
N ILE A 257 2.53 -9.09 -5.13
CA ILE A 257 2.92 -10.39 -4.62
C ILE A 257 4.42 -10.40 -4.37
N VAL A 258 4.81 -10.55 -3.12
CA VAL A 258 6.21 -10.57 -2.74
C VAL A 258 6.55 -11.89 -2.06
N LYS A 259 7.76 -12.39 -2.35
CA LYS A 259 8.19 -13.69 -1.84
C LYS A 259 7.98 -13.81 -0.35
N GLY A 260 7.28 -14.86 0.06
CA GLY A 260 7.09 -15.13 1.47
C GLY A 260 5.99 -14.34 2.16
N GLY A 261 5.26 -13.50 1.44
CA GLY A 261 4.17 -12.75 2.02
C GLY A 261 2.94 -13.55 2.40
N ASN A 262 2.19 -12.96 3.34
CA ASN A 262 0.94 -13.52 3.84
C ASN A 262 -0.15 -12.47 3.58
N TYR A 263 -1.12 -12.79 2.72
CA TYR A 263 -2.11 -11.80 2.30
C TYR A 263 -3.40 -11.86 3.12
N GLY A 264 -3.33 -12.52 4.28
CA GLY A 264 -4.30 -12.30 5.34
C GLY A 264 -5.58 -13.13 5.36
N TRP A 265 -6.07 -13.60 4.21
CA TRP A 265 -7.34 -14.31 4.18
C TRP A 265 -7.18 -15.61 4.97
N PRO A 266 -8.19 -16.02 5.75
CA PRO A 266 -9.52 -15.42 5.96
C PRO A 266 -9.59 -14.46 7.14
N ASN A 267 -8.46 -14.27 7.84
CA ASN A 267 -8.51 -13.43 9.04
C ASN A 267 -8.65 -11.96 8.69
N VAL A 268 -8.20 -11.55 7.52
CA VAL A 268 -8.22 -10.15 7.09
C VAL A 268 -8.70 -10.08 5.65
N ALA A 269 -9.81 -9.37 5.43
CA ALA A 269 -10.25 -9.01 4.08
C ALA A 269 -9.82 -7.58 3.76
N GLY A 270 -9.00 -7.42 2.72
CA GLY A 270 -8.55 -6.09 2.37
C GLY A 270 -7.55 -5.59 3.40
N TYR A 271 -7.70 -4.32 3.80
CA TYR A 271 -6.83 -3.76 4.81
C TYR A 271 -7.16 -4.37 6.17
N LYS A 272 -6.21 -4.30 7.09
CA LYS A 272 -6.45 -4.67 8.50
C LYS A 272 -7.03 -3.45 9.20
N ASP A 273 -8.31 -3.21 8.91
CA ASP A 273 -9.02 -2.00 9.33
C ASP A 273 -10.22 -2.24 10.24
N ASP A 274 -10.61 -3.49 10.49
CA ASP A 274 -11.85 -3.77 11.23
C ASP A 274 -13.05 -3.03 10.66
N SER A 275 -13.11 -2.90 9.34
CA SER A 275 -14.14 -2.12 8.65
C SER A 275 -14.91 -2.96 7.64
N GLY A 276 -16.14 -3.33 8.00
CA GLY A 276 -17.06 -3.98 7.11
C GLY A 276 -16.90 -5.47 6.95
N TYR A 277 -15.96 -6.09 7.68
CA TYR A 277 -15.73 -7.52 7.65
C TYR A 277 -15.19 -7.95 9.02
N ALA A 278 -15.50 -9.19 9.39
CA ALA A 278 -14.84 -9.86 10.50
C ALA A 278 -14.82 -11.34 10.15
N TYR A 279 -13.94 -12.09 10.79
CA TYR A 279 -13.72 -13.48 10.44
C TYR A 279 -14.59 -14.34 11.35
N ALA A 280 -15.67 -14.84 10.79
CA ALA A 280 -16.58 -15.77 11.46
C ALA A 280 -16.24 -17.17 10.97
N ASN A 281 -15.71 -17.99 11.87
CA ASN A 281 -15.17 -19.31 11.53
C ASN A 281 -16.20 -20.40 11.82
N TYR A 282 -17.02 -20.72 10.81
CA TYR A 282 -18.10 -21.67 11.01
C TYR A 282 -17.60 -23.08 11.30
N SER A 283 -16.39 -23.43 10.84
CA SER A 283 -15.88 -24.74 11.19
C SER A 283 -15.69 -24.89 12.69
N ALA A 284 -15.50 -23.80 13.41
CA ALA A 284 -15.27 -23.80 14.85
C ALA A 284 -16.57 -23.64 15.63
N ALA A 285 -17.70 -23.49 14.94
CA ALA A 285 -18.99 -23.48 15.61
C ALA A 285 -19.28 -24.87 16.15
N ALA A 286 -19.62 -24.96 17.44
CA ALA A 286 -19.91 -26.28 18.01
C ALA A 286 -21.16 -26.88 17.39
N ASN A 287 -22.10 -26.04 16.96
CA ASN A 287 -23.35 -26.48 16.38
C ASN A 287 -23.23 -26.36 14.87
N LYS A 288 -23.44 -27.45 14.16
CA LYS A 288 -23.34 -27.45 12.70
C LYS A 288 -24.68 -27.20 12.00
N SER A 289 -25.72 -26.86 12.74
CA SER A 289 -26.95 -26.35 12.15
C SER A 289 -26.99 -24.83 12.16
N ILE A 290 -25.92 -24.17 12.63
N ILE A 290 -25.91 -24.18 12.61
CA ILE A 290 -25.87 -22.73 12.66
CA ILE A 290 -25.88 -22.73 12.66
C ILE A 290 -25.97 -22.19 11.24
C ILE A 290 -25.94 -22.17 11.25
N LYS A 291 -26.59 -21.01 11.11
CA LYS A 291 -26.78 -20.39 9.81
C LYS A 291 -25.78 -19.26 9.63
N ASP A 292 -25.37 -19.06 8.37
CA ASP A 292 -24.50 -17.95 7.99
C ASP A 292 -25.43 -16.81 7.54
N LEU A 293 -25.53 -15.77 8.37
CA LEU A 293 -26.34 -14.61 8.00
C LEU A 293 -25.83 -13.89 6.77
N ALA A 294 -24.57 -14.13 6.40
CA ALA A 294 -24.00 -13.58 5.16
C ALA A 294 -23.99 -12.05 5.17
N GLN A 295 -23.70 -11.49 6.34
CA GLN A 295 -23.47 -10.07 6.52
C GLN A 295 -21.98 -9.76 6.68
N ASN A 296 -21.13 -10.58 6.04
CA ASN A 296 -19.68 -10.36 6.01
C ASN A 296 -19.05 -10.45 7.40
N GLY A 297 -19.67 -11.23 8.30
CA GLY A 297 -19.14 -11.44 9.62
C GLY A 297 -19.36 -10.30 10.59
N VAL A 298 -19.90 -9.17 10.12
CA VAL A 298 -20.18 -8.03 11.01
C VAL A 298 -21.39 -8.32 11.92
N LYS A 299 -22.37 -9.06 11.41
CA LYS A 299 -23.52 -9.52 12.16
C LYS A 299 -23.61 -11.01 11.93
N VAL A 300 -23.65 -11.80 13.01
CA VAL A 300 -23.63 -13.24 12.90
C VAL A 300 -24.70 -13.83 13.81
N ALA A 301 -25.03 -15.10 13.53
CA ALA A 301 -25.91 -15.87 14.40
C ALA A 301 -25.14 -16.27 15.66
N ALA A 302 -25.88 -16.51 16.72
CA ALA A 302 -25.26 -17.05 17.93
C ALA A 302 -24.58 -18.39 17.65
N GLY A 303 -23.38 -18.55 18.18
CA GLY A 303 -22.68 -19.81 18.17
C GLY A 303 -21.45 -19.90 17.30
N VAL A 304 -21.14 -18.89 16.51
CA VAL A 304 -19.96 -18.93 15.64
C VAL A 304 -18.91 -18.00 16.23
N PRO A 305 -17.68 -18.46 16.42
CA PRO A 305 -16.63 -17.55 16.90
C PRO A 305 -16.29 -16.50 15.85
N VAL A 306 -16.12 -15.27 16.31
CA VAL A 306 -15.78 -14.15 15.44
C VAL A 306 -14.47 -13.55 15.92
N THR A 307 -13.54 -13.37 14.99
CA THR A 307 -12.27 -12.71 15.27
C THR A 307 -12.19 -11.42 14.45
N LYS A 308 -11.95 -10.29 15.12
CA LYS A 308 -11.70 -9.05 14.40
C LYS A 308 -10.37 -9.14 13.66
N GLU A 309 -10.26 -8.40 12.55
CA GLU A 309 -9.01 -8.36 11.80
C GLU A 309 -7.84 -7.97 12.71
N SER A 310 -8.05 -7.04 13.62
CA SER A 310 -6.99 -6.58 14.51
C SER A 310 -6.70 -7.55 15.66
N GLU A 311 -7.50 -8.59 15.85
CA GLU A 311 -7.27 -9.57 16.89
C GLU A 311 -6.44 -10.75 16.41
N TRP A 312 -6.26 -10.85 15.10
CA TRP A 312 -5.46 -11.93 14.53
C TRP A 312 -3.98 -11.74 14.87
N THR A 313 -3.33 -12.83 15.24
CA THR A 313 -1.88 -12.83 15.39
C THR A 313 -1.29 -13.37 14.08
N GLY A 314 -0.79 -12.47 13.23
CA GLY A 314 -0.32 -12.86 11.91
C GLY A 314 1.14 -12.58 11.70
N LYS A 315 1.74 -13.20 10.70
CA LYS A 315 3.14 -13.02 10.36
C LYS A 315 3.27 -12.75 8.87
N ASN A 316 4.07 -11.74 8.54
CA ASN A 316 4.30 -11.23 7.18
C ASN A 316 3.05 -10.78 6.47
N PHE A 317 2.09 -10.21 7.21
CA PHE A 317 0.86 -9.74 6.60
C PHE A 317 1.15 -8.58 5.64
N VAL A 318 0.73 -8.74 4.39
CA VAL A 318 0.89 -7.77 3.31
C VAL A 318 -0.48 -7.21 2.94
N PRO A 319 -0.71 -5.90 3.08
CA PRO A 319 -2.02 -5.32 2.68
C PRO A 319 -2.12 -5.15 1.17
N PRO A 320 -3.34 -5.02 0.66
CA PRO A 320 -3.51 -4.77 -0.78
C PRO A 320 -3.08 -3.35 -1.20
N LEU A 321 -2.70 -3.25 -2.46
CA LEU A 321 -2.46 -1.94 -3.07
C LEU A 321 -3.75 -1.14 -3.22
N LYS A 322 -4.88 -1.79 -3.49
CA LYS A 322 -6.17 -1.15 -3.71
C LYS A 322 -7.24 -2.18 -3.39
N THR A 323 -8.33 -1.72 -2.77
CA THR A 323 -9.51 -2.55 -2.57
C THR A 323 -10.68 -2.06 -3.40
N LEU A 324 -11.46 -3.00 -3.93
CA LEU A 324 -12.64 -2.69 -4.75
C LEU A 324 -13.80 -3.52 -4.19
N TYR A 325 -14.35 -3.10 -3.05
CA TYR A 325 -14.17 -1.82 -2.35
C TYR A 325 -14.20 -2.06 -0.84
N THR A 326 -13.98 -1.00 -0.07
CA THR A 326 -13.98 -1.07 1.38
C THR A 326 -15.08 -0.15 1.89
N VAL A 327 -15.86 -0.67 2.85
CA VAL A 327 -16.96 0.07 3.44
C VAL A 327 -16.88 0.06 4.96
N GLN A 328 -17.72 0.87 5.58
CA GLN A 328 -17.81 1.03 7.02
C GLN A 328 -18.57 -0.15 7.67
N ASP A 329 -18.41 -0.24 8.99
CA ASP A 329 -19.12 -1.25 9.76
C ASP A 329 -20.61 -1.02 9.69
N THR A 330 -21.03 0.23 9.49
CA THR A 330 -22.44 0.54 9.37
C THR A 330 -23.05 0.16 8.01
N TYR A 331 -22.26 -0.41 7.10
CA TYR A 331 -22.77 -0.72 5.77
C TYR A 331 -23.85 -1.79 5.87
N ASN A 332 -24.86 -1.66 5.04
CA ASN A 332 -26.00 -2.56 5.03
C ASN A 332 -25.91 -3.48 3.83
N TYR A 333 -25.53 -4.74 4.05
CA TYR A 333 -25.43 -5.72 2.99
C TYR A 333 -26.80 -6.24 2.55
N ASN A 334 -27.87 -5.80 3.18
CA ASN A 334 -29.24 -6.15 2.83
C ASN A 334 -30.06 -4.98 2.30
N ASP A 335 -29.42 -3.96 1.81
CA ASP A 335 -30.12 -2.71 1.49
C ASP A 335 -31.31 -2.97 0.57
N PRO A 336 -32.54 -2.91 1.09
CA PRO A 336 -33.71 -3.15 0.22
C PRO A 336 -33.87 -2.11 -0.88
N THR A 337 -33.27 -0.93 -0.72
CA THR A 337 -33.34 0.08 -1.78
C THR A 337 -32.64 -0.35 -3.07
N CYS A 338 -31.91 -1.45 -3.04
CA CYS A 338 -31.15 -1.90 -4.20
C CYS A 338 -31.90 -2.87 -5.08
N GLY A 339 -33.01 -3.40 -4.61
CA GLY A 339 -33.70 -4.48 -5.30
C GLY A 339 -33.58 -5.78 -4.53
N GLU A 340 -34.42 -6.74 -4.95
CA GLU A 340 -34.56 -7.97 -4.18
C GLU A 340 -33.25 -8.78 -4.20
N MET A 341 -32.43 -8.63 -5.25
CA MET A 341 -31.12 -9.28 -5.26
C MET A 341 -30.11 -8.27 -4.71
N THR A 342 -30.04 -8.17 -3.38
CA THR A 342 -29.24 -7.12 -2.74
C THR A 342 -27.76 -7.30 -2.99
N PHE A 343 -27.29 -8.52 -3.28
CA PHE A 343 -25.88 -8.75 -3.53
C PHE A 343 -25.33 -7.90 -4.68
N ILE A 344 -26.20 -7.43 -5.58
CA ILE A 344 -25.70 -6.69 -6.74
C ILE A 344 -25.09 -5.37 -6.31
N CYS A 345 -25.59 -4.78 -5.24
CA CYS A 345 -25.06 -3.52 -4.73
C CYS A 345 -23.90 -3.70 -3.77
N TRP A 346 -23.53 -4.94 -3.45
CA TRP A 346 -22.44 -5.17 -2.51
C TRP A 346 -21.19 -4.42 -3.00
N PRO A 347 -20.34 -3.96 -2.09
CA PRO A 347 -19.12 -3.19 -2.50
C PRO A 347 -18.02 -4.10 -3.01
N THR A 348 -18.29 -4.77 -4.14
CA THR A 348 -17.34 -5.63 -4.81
C THR A 348 -17.49 -5.42 -6.32
N VAL A 349 -16.50 -5.92 -7.07
CA VAL A 349 -16.57 -5.88 -8.53
C VAL A 349 -16.31 -7.25 -9.16
N ALA A 350 -15.88 -8.22 -8.35
CA ALA A 350 -15.58 -9.58 -8.79
C ALA A 350 -14.56 -9.58 -9.92
N PRO A 351 -13.33 -9.15 -9.66
CA PRO A 351 -12.30 -9.15 -10.72
C PRO A 351 -12.04 -10.58 -11.17
N SER A 352 -11.81 -10.74 -12.48
CA SER A 352 -11.68 -12.07 -13.06
C SER A 352 -10.28 -12.32 -13.63
N SER A 353 -9.46 -11.28 -13.73
CA SER A 353 -8.09 -11.37 -14.25
C SER A 353 -7.33 -10.12 -13.87
N ALA A 354 -6.12 -9.99 -14.42
CA ALA A 354 -5.25 -8.84 -14.23
C ALA A 354 -4.25 -8.86 -15.37
N TYR A 355 -4.12 -7.73 -16.08
CA TYR A 355 -3.33 -7.71 -17.31
C TYR A 355 -2.51 -6.45 -17.35
N VAL A 356 -1.21 -6.59 -17.53
CA VAL A 356 -0.30 -5.45 -17.60
C VAL A 356 -0.30 -4.88 -19.02
N TYR A 357 -0.75 -3.64 -19.17
CA TYR A 357 -0.78 -3.00 -20.47
C TYR A 357 0.61 -2.50 -20.86
N LYS A 358 1.12 -3.02 -21.98
CA LYS A 358 2.49 -2.72 -22.40
C LYS A 358 2.59 -1.66 -23.48
N GLY A 359 1.47 -1.13 -23.95
CA GLY A 359 1.53 -0.07 -24.93
C GLY A 359 1.95 -0.58 -26.30
N GLY A 360 2.84 0.17 -26.96
CA GLY A 360 3.28 -0.09 -28.32
C GLY A 360 3.23 1.17 -29.15
N LYS A 361 3.40 1.03 -30.47
CA LYS A 361 3.52 2.21 -31.30
C LYS A 361 2.20 2.92 -31.54
N LYS A 362 1.07 2.29 -31.21
CA LYS A 362 -0.23 2.97 -31.20
C LYS A 362 -0.82 2.98 -29.79
N ALA A 363 0.05 3.10 -28.80
CA ALA A 363 -0.39 3.06 -27.41
C ALA A 363 -1.44 4.12 -27.14
N ILE A 364 -2.40 3.75 -26.30
CA ILE A 364 -3.49 4.66 -25.96
C ILE A 364 -2.96 5.74 -25.00
N THR A 365 -3.23 6.99 -25.33
CA THR A 365 -2.69 8.10 -24.56
C THR A 365 -3.10 8.00 -23.09
N GLY A 366 -2.11 8.15 -22.21
CA GLY A 366 -2.37 8.17 -20.79
C GLY A 366 -2.36 6.82 -20.13
N TRP A 367 -2.26 5.73 -20.90
CA TRP A 367 -2.33 4.39 -20.33
C TRP A 367 -0.98 3.81 -19.94
N GLU A 368 0.08 4.63 -19.85
CA GLU A 368 1.37 4.09 -19.44
C GLU A 368 1.25 3.46 -18.07
N ASN A 369 1.89 2.30 -17.89
CA ASN A 369 1.98 1.65 -16.58
C ASN A 369 0.63 1.38 -15.96
N THR A 370 -0.32 0.96 -16.78
CA THR A 370 -1.63 0.61 -16.27
C THR A 370 -1.78 -0.90 -16.14
N LEU A 371 -2.71 -1.29 -15.26
CA LEU A 371 -3.14 -2.66 -15.09
C LEU A 371 -4.62 -2.69 -15.43
N LEU A 372 -5.01 -3.63 -16.31
CA LEU A 372 -6.40 -3.77 -16.72
C LEU A 372 -7.04 -4.92 -15.94
N VAL A 373 -8.16 -4.65 -15.30
CA VAL A 373 -8.81 -5.63 -14.43
C VAL A 373 -10.27 -5.82 -14.84
N PRO A 374 -10.61 -6.92 -15.52
CA PRO A 374 -12.00 -7.14 -15.89
C PRO A 374 -12.87 -7.42 -14.68
N SER A 375 -14.10 -6.94 -14.74
CA SER A 375 -15.10 -7.09 -13.70
C SER A 375 -16.26 -7.94 -14.20
N LEU A 376 -16.54 -9.02 -13.47
CA LEU A 376 -17.67 -9.86 -13.83
C LEU A 376 -18.98 -9.18 -13.49
N LYS A 377 -19.07 -8.64 -12.28
CA LYS A 377 -20.34 -8.20 -11.73
C LYS A 377 -20.77 -6.84 -12.25
N ARG A 378 -19.82 -5.96 -12.55
CA ARG A 378 -20.15 -4.61 -12.97
C ARG A 378 -20.14 -4.44 -14.49
N GLY A 379 -19.69 -5.45 -15.23
CA GLY A 379 -19.60 -5.33 -16.68
C GLY A 379 -18.78 -4.14 -17.13
N VAL A 380 -17.60 -3.95 -16.53
CA VAL A 380 -16.62 -2.98 -16.99
C VAL A 380 -15.25 -3.66 -17.02
N ILE A 381 -14.31 -2.99 -17.69
CA ILE A 381 -12.89 -3.26 -17.57
C ILE A 381 -12.28 -2.08 -16.82
N PHE A 382 -11.65 -2.35 -15.67
CA PHE A 382 -11.02 -1.27 -14.92
C PHE A 382 -9.63 -1.01 -15.47
N ARG A 383 -9.23 0.26 -15.47
CA ARG A 383 -7.87 0.65 -15.78
C ARG A 383 -7.31 1.26 -14.49
N ILE A 384 -6.19 0.72 -14.04
CA ILE A 384 -5.56 1.13 -12.78
C ILE A 384 -4.14 1.58 -13.10
N LYS A 385 -3.86 2.85 -12.86
CA LYS A 385 -2.55 3.40 -13.13
C LYS A 385 -1.61 3.08 -11.95
N LEU A 386 -0.36 2.77 -12.27
CA LEU A 386 0.72 2.70 -11.30
C LEU A 386 1.82 3.67 -11.70
N ASP A 387 2.75 3.95 -10.78
CA ASP A 387 3.92 4.75 -11.12
C ASP A 387 4.81 3.93 -12.04
N PRO A 388 5.83 4.56 -12.65
CA PRO A 388 6.65 3.83 -13.64
C PRO A 388 7.46 2.68 -13.06
N THR A 389 7.67 2.62 -11.75
CA THR A 389 8.35 1.47 -11.14
C THR A 389 7.37 0.40 -10.65
N TYR A 390 6.07 0.56 -10.90
CA TYR A 390 5.07 -0.39 -10.46
C TYR A 390 5.21 -0.65 -8.97
N SER A 391 5.39 0.43 -8.20
CA SER A 391 5.50 0.33 -6.74
C SER A 391 4.24 0.77 -6.00
N THR A 392 3.36 1.52 -6.65
CA THR A 392 2.15 2.03 -6.03
C THR A 392 1.13 2.27 -7.12
N THR A 393 -0.15 2.15 -6.76
CA THR A 393 -1.17 2.67 -7.65
C THR A 393 -1.15 4.19 -7.59
N TYR A 394 -1.65 4.82 -8.66
CA TYR A 394 -1.96 6.23 -8.74
C TYR A 394 -3.49 6.35 -8.88
N ASP A 395 -4.10 7.18 -8.06
CA ASP A 395 -5.55 7.47 -8.17
C ASP A 395 -6.38 6.17 -8.11
N ASP A 396 -7.48 6.08 -8.84
CA ASP A 396 -8.53 5.12 -8.61
C ASP A 396 -8.63 4.14 -9.78
N ALA A 397 -9.48 3.14 -9.62
CA ALA A 397 -9.77 2.22 -10.72
C ALA A 397 -10.80 2.88 -11.63
N VAL A 398 -10.41 3.12 -12.89
CA VAL A 398 -11.25 3.83 -13.85
C VAL A 398 -12.06 2.80 -14.66
N PRO A 399 -13.39 2.83 -14.60
CA PRO A 399 -14.20 1.86 -15.33
C PRO A 399 -14.27 2.18 -16.82
N MET A 400 -14.34 1.12 -17.62
CA MET A 400 -14.35 1.24 -19.09
C MET A 400 -15.30 0.18 -19.67
N PHE A 401 -15.79 0.46 -20.87
CA PHE A 401 -16.57 -0.48 -21.67
C PHE A 401 -17.80 -1.04 -20.94
N LYS A 402 -18.54 -0.16 -20.27
CA LYS A 402 -19.70 -0.64 -19.54
C LYS A 402 -20.68 -1.31 -20.49
N SER A 403 -21.09 -2.52 -20.12
CA SER A 403 -22.12 -3.25 -20.86
C SER A 403 -22.72 -4.26 -19.91
N ASN A 404 -23.80 -4.90 -20.37
CA ASN A 404 -24.43 -5.99 -19.62
C ASN A 404 -23.75 -7.31 -19.99
N ASN A 405 -22.47 -7.40 -19.61
CA ASN A 405 -21.59 -8.52 -19.92
C ASN A 405 -20.74 -8.82 -18.70
N ARG A 406 -20.39 -10.08 -18.53
CA ARG A 406 -19.48 -10.50 -17.48
C ARG A 406 -18.11 -10.65 -18.14
N TYR A 407 -17.24 -9.67 -17.91
CA TYR A 407 -15.91 -9.67 -18.52
C TYR A 407 -14.97 -10.61 -17.77
N ARG A 408 -14.39 -11.57 -18.49
CA ARG A 408 -13.68 -12.70 -17.92
C ARG A 408 -12.17 -12.59 -18.08
N ASP A 409 -11.69 -11.98 -19.16
CA ASP A 409 -10.26 -11.80 -19.38
C ASP A 409 -10.08 -10.68 -20.39
N VAL A 410 -8.85 -10.19 -20.48
CA VAL A 410 -8.51 -9.08 -21.37
C VAL A 410 -7.02 -9.15 -21.70
N ILE A 411 -6.72 -8.90 -22.97
CA ILE A 411 -5.36 -8.66 -23.45
C ILE A 411 -5.41 -7.48 -24.41
N ALA A 412 -4.23 -7.06 -24.86
CA ALA A 412 -4.11 -6.00 -25.86
C ALA A 412 -3.24 -6.47 -26.99
N SER A 413 -3.44 -5.88 -28.17
CA SER A 413 -2.58 -6.16 -29.30
C SER A 413 -1.18 -5.58 -29.08
N PRO A 414 -0.17 -6.10 -29.79
CA PRO A 414 1.19 -5.56 -29.67
C PRO A 414 1.29 -4.05 -29.90
N ASP A 415 0.55 -3.48 -30.86
CA ASP A 415 0.60 -2.04 -31.07
C ASP A 415 -0.13 -1.27 -29.98
N GLY A 416 -1.07 -1.91 -29.25
CA GLY A 416 -1.66 -1.33 -28.07
C GLY A 416 -2.96 -0.59 -28.29
N ASN A 417 -3.46 -0.52 -29.51
CA ASN A 417 -4.67 0.22 -29.81
C ASN A 417 -5.91 -0.66 -29.91
N VAL A 418 -5.75 -1.98 -29.76
CA VAL A 418 -6.86 -2.91 -29.78
C VAL A 418 -6.84 -3.73 -28.50
N LEU A 419 -7.97 -3.80 -27.81
CA LEU A 419 -8.15 -4.69 -26.68
C LEU A 419 -9.05 -5.86 -27.07
N TYR A 420 -8.69 -7.07 -26.61
CA TYR A 420 -9.46 -8.29 -26.81
C TYR A 420 -9.97 -8.77 -25.45
N VAL A 421 -11.28 -9.06 -25.37
N VAL A 421 -11.24 -9.20 -25.42
CA VAL A 421 -11.86 -9.51 -24.12
CA VAL A 421 -11.93 -9.47 -24.18
C VAL A 421 -12.71 -10.75 -24.34
C VAL A 421 -12.79 -10.73 -24.34
N LEU A 422 -12.80 -11.57 -23.30
CA LEU A 422 -13.73 -12.69 -23.23
C LEU A 422 -14.88 -12.36 -22.31
N THR A 423 -16.06 -12.92 -22.63
CA THR A 423 -17.25 -12.72 -21.81
C THR A 423 -17.85 -14.06 -21.42
N ASP A 424 -18.40 -14.12 -20.21
CA ASP A 424 -18.97 -15.36 -19.71
C ASP A 424 -20.18 -15.75 -20.55
N THR A 425 -20.51 -17.04 -20.49
CA THR A 425 -21.69 -17.58 -21.16
C THR A 425 -22.96 -17.20 -20.40
N ALA A 426 -22.90 -17.18 -19.06
CA ALA A 426 -24.09 -16.94 -18.26
C ALA A 426 -23.70 -16.39 -16.90
N GLY A 427 -24.68 -15.83 -16.21
CA GLY A 427 -24.49 -15.29 -14.89
C GLY A 427 -25.18 -13.96 -14.75
N ASN A 428 -24.99 -13.32 -13.60
CA ASN A 428 -25.59 -12.02 -13.29
C ASN A 428 -24.62 -10.88 -13.53
N VAL A 429 -25.18 -9.72 -13.85
CA VAL A 429 -24.40 -8.50 -14.09
C VAL A 429 -25.28 -7.30 -13.76
N GLN A 430 -24.63 -6.23 -13.32
CA GLN A 430 -25.32 -5.00 -12.99
C GLN A 430 -25.62 -4.20 -14.26
N LYS A 431 -26.84 -3.67 -14.33
CA LYS A 431 -27.25 -2.84 -15.45
C LYS A 431 -26.88 -1.37 -15.22
N ASP A 432 -27.13 -0.54 -16.23
CA ASP A 432 -26.80 0.88 -16.12
C ASP A 432 -27.43 1.50 -14.89
N ASP A 433 -28.64 1.06 -14.55
CA ASP A 433 -29.39 1.68 -13.46
C ASP A 433 -29.16 1.01 -12.11
N GLY A 434 -28.26 0.05 -12.04
CA GLY A 434 -27.90 -0.56 -10.78
C GLY A 434 -28.58 -1.87 -10.49
N SER A 435 -29.66 -2.20 -11.19
CA SER A 435 -30.37 -3.43 -10.95
C SER A 435 -29.64 -4.61 -11.60
N VAL A 436 -30.08 -5.82 -11.27
CA VAL A 436 -29.43 -7.04 -11.75
C VAL A 436 -30.17 -7.60 -12.96
N THR A 437 -29.40 -8.16 -13.90
CA THR A 437 -29.96 -8.92 -15.00
C THR A 437 -29.07 -10.13 -15.25
N ASN A 438 -29.69 -11.23 -15.69
CA ASN A 438 -28.96 -12.38 -16.18
C ASN A 438 -29.07 -12.51 -17.68
N THR A 439 -29.56 -11.47 -18.36
CA THR A 439 -29.56 -11.42 -19.82
C THR A 439 -28.30 -10.69 -20.28
N LEU A 440 -27.30 -11.45 -20.71
CA LEU A 440 -26.02 -10.90 -21.10
C LEU A 440 -26.05 -10.54 -22.58
N GLU A 441 -25.51 -9.36 -22.89
CA GLU A 441 -25.58 -8.86 -24.26
C GLU A 441 -24.77 -9.73 -25.21
N ASN A 442 -23.59 -10.17 -24.79
CA ASN A 442 -22.69 -10.98 -25.62
C ASN A 442 -22.27 -12.22 -24.84
N PRO A 443 -23.16 -13.21 -24.72
CA PRO A 443 -22.77 -14.44 -23.99
C PRO A 443 -21.65 -15.18 -24.72
N GLY A 444 -20.66 -15.60 -23.94
CA GLY A 444 -19.61 -16.46 -24.46
C GLY A 444 -18.96 -15.98 -25.73
N SER A 445 -18.34 -14.81 -25.67
CA SER A 445 -17.83 -14.15 -26.85
C SER A 445 -16.37 -13.71 -26.70
N LEU A 446 -15.70 -13.64 -27.85
CA LEU A 446 -14.44 -12.94 -27.98
C LEU A 446 -14.76 -11.61 -28.66
N ILE A 447 -14.47 -10.52 -27.98
CA ILE A 447 -14.82 -9.18 -28.43
C ILE A 447 -13.56 -8.34 -28.54
N LYS A 448 -13.49 -7.49 -29.53
CA LYS A 448 -12.38 -6.55 -29.63
C LYS A 448 -12.89 -5.11 -29.57
N PHE A 449 -12.08 -4.25 -28.96
CA PHE A 449 -12.34 -2.82 -28.87
C PHE A 449 -11.15 -2.12 -29.53
N THR A 450 -11.43 -1.34 -30.59
CA THR A 450 -10.39 -0.65 -31.34
C THR A 450 -10.47 0.85 -31.09
N TYR A 451 -9.36 1.41 -30.63
CA TYR A 451 -9.27 2.85 -30.42
C TYR A 451 -9.45 3.60 -31.73
N LYS A 452 -10.33 4.60 -31.73
CA LYS A 452 -10.56 5.39 -32.93
C LYS A 452 -10.25 6.86 -32.71
N ASP B 1 -4.18 1.16 9.88
CA ASP B 1 -4.24 0.20 11.03
C ASP B 1 -5.18 0.70 12.13
N VAL B 2 -5.59 -0.23 12.99
CA VAL B 2 -6.53 0.03 14.09
C VAL B 2 -5.77 0.46 15.34
N PRO B 3 -6.24 1.45 16.10
CA PRO B 3 -5.44 1.91 17.24
C PRO B 3 -5.23 0.82 18.28
N LEU B 4 -4.05 0.85 18.88
CA LEU B 4 -3.80 0.06 20.07
C LEU B 4 -4.51 0.67 21.27
N THR B 5 -4.87 -0.18 22.24
CA THR B 5 -5.50 0.30 23.46
C THR B 5 -4.46 0.81 24.46
N PRO B 6 -4.90 1.59 25.45
CA PRO B 6 -3.95 2.03 26.50
C PRO B 6 -3.20 0.87 27.13
N SER B 7 -3.86 -0.25 27.33
CA SER B 7 -3.20 -1.40 27.94
C SER B 7 -2.17 -2.01 27.01
N GLN B 8 -2.41 -1.96 25.70
CA GLN B 8 -1.44 -2.50 24.75
C GLN B 8 -0.20 -1.60 24.67
N PHE B 9 -0.38 -0.28 24.77
CA PHE B 9 0.78 0.60 24.87
C PHE B 9 1.54 0.38 26.16
N ALA B 10 0.82 0.22 27.28
CA ALA B 10 1.48 0.20 28.59
C ALA B 10 2.42 -0.99 28.73
N LYS B 11 2.14 -2.10 28.07
CA LYS B 11 2.96 -3.29 28.25
C LYS B 11 4.19 -3.30 27.37
N ALA B 12 4.40 -2.30 26.52
CA ALA B 12 5.54 -2.29 25.60
C ALA B 12 6.77 -1.66 26.27
N LYS B 13 7.26 -2.34 27.30
CA LYS B 13 8.28 -1.75 28.17
C LYS B 13 9.71 -2.09 27.76
N SER B 14 9.90 -2.96 26.79
CA SER B 14 11.22 -3.28 26.26
C SER B 14 12.20 -3.64 27.38
N GLU B 15 11.84 -4.68 28.12
CA GLU B 15 12.70 -5.19 29.20
C GLU B 15 14.00 -5.78 28.68
N ASN B 16 14.14 -5.97 27.37
CA ASN B 16 15.34 -6.54 26.80
C ASN B 16 16.39 -5.48 26.48
N PHE B 17 16.17 -4.23 26.92
CA PHE B 17 17.13 -3.15 26.76
C PHE B 17 17.45 -2.52 28.11
N ASP B 18 18.70 -2.08 28.26
CA ASP B 18 19.12 -1.26 29.39
C ASP B 18 19.05 0.21 28.97
N LYS B 19 18.52 1.02 29.86
CA LYS B 19 18.32 2.44 29.60
C LYS B 19 19.36 3.25 30.38
N LYS B 20 19.99 4.19 29.70
CA LYS B 20 20.88 5.14 30.36
C LYS B 20 20.64 6.53 29.80
N VAL B 21 20.31 7.48 30.68
CA VAL B 21 20.10 8.86 30.26
C VAL B 21 21.46 9.56 30.24
N ILE B 22 21.85 10.03 29.06
CA ILE B 22 23.15 10.66 28.89
C ILE B 22 23.08 12.15 29.23
N LEU B 23 22.00 12.82 28.81
CA LEU B 23 21.81 14.24 29.06
C LEU B 23 20.33 14.49 29.27
N SER B 24 20.01 15.51 30.06
CA SER B 24 18.65 16.02 30.16
C SER B 24 18.67 17.55 30.15
N ASN B 25 17.47 18.14 30.04
CA ASN B 25 17.27 19.59 29.99
C ASN B 25 18.01 20.24 28.82
N LEU B 26 18.22 19.50 27.73
CA LEU B 26 18.58 20.15 26.48
C LEU B 26 17.44 21.07 26.05
N ASN B 27 17.77 22.09 25.27
CA ASN B 27 16.82 23.14 24.89
C ASN B 27 16.20 22.76 23.56
N LYS B 28 15.10 22.02 23.63
CA LYS B 28 14.37 21.48 22.47
C LYS B 28 15.27 20.73 21.49
N PRO B 29 15.93 19.68 21.94
CA PRO B 29 16.75 18.89 21.03
C PRO B 29 15.85 18.29 19.96
N HIS B 30 16.38 18.22 18.74
CA HIS B 30 15.53 17.93 17.60
C HIS B 30 16.03 16.81 16.72
N ALA B 31 17.24 16.92 16.18
CA ALA B 31 17.76 15.89 15.30
C ALA B 31 19.09 15.38 15.84
N LEU B 32 19.35 14.09 15.65
CA LEU B 32 20.64 13.54 16.04
C LEU B 32 21.14 12.62 14.95
N LEU B 33 22.46 12.56 14.83
CA LEU B 33 23.14 11.84 13.78
C LEU B 33 24.38 11.17 14.34
N TRP B 34 24.70 10.01 13.77
CA TRP B 34 25.97 9.35 14.06
C TRP B 34 27.03 10.02 13.17
N GLY B 35 27.99 10.70 13.77
CA GLY B 35 28.88 11.58 13.05
C GLY B 35 30.03 10.85 12.37
N PRO B 36 30.66 11.53 11.41
CA PRO B 36 31.83 10.93 10.73
C PRO B 36 32.96 10.58 11.67
N ASP B 37 33.01 11.22 12.83
CA ASP B 37 33.98 10.93 13.88
C ASP B 37 33.46 9.92 14.89
N ASN B 38 32.40 9.19 14.55
CA ASN B 38 31.79 8.21 15.47
C ASN B 38 31.47 8.83 16.82
N GLN B 39 31.13 10.10 16.83
CA GLN B 39 30.52 10.76 17.97
C GLN B 39 29.07 11.07 17.64
N ILE B 40 28.26 11.36 18.65
CA ILE B 40 26.86 11.73 18.42
C ILE B 40 26.74 13.24 18.27
N TRP B 41 26.14 13.69 17.17
CA TRP B 41 25.86 15.10 16.95
C TRP B 41 24.35 15.30 17.05
N LEU B 42 23.94 16.38 17.70
CA LEU B 42 22.52 16.67 17.84
C LEU B 42 22.31 18.17 17.84
N THR B 43 21.11 18.57 17.44
CA THR B 43 20.76 19.98 17.33
C THR B 43 19.78 20.36 18.43
N GLU B 44 19.82 21.63 18.80
CA GLU B 44 18.82 22.26 19.66
C GLU B 44 18.01 23.19 18.76
N ARG B 45 16.74 22.85 18.56
CA ARG B 45 15.92 23.63 17.65
C ARG B 45 15.79 25.08 18.11
N ALA B 46 15.67 25.31 19.42
CA ALA B 46 15.36 26.63 19.93
C ALA B 46 16.57 27.56 19.87
N THR B 47 17.77 27.02 20.08
CA THR B 47 18.96 27.85 20.22
C THR B 47 19.81 27.93 18.94
N GLY B 48 19.62 26.98 18.02
CA GLY B 48 20.53 26.85 16.89
C GLY B 48 21.85 26.19 17.22
N LYS B 49 22.01 25.63 18.41
CA LYS B 49 23.25 25.00 18.80
C LYS B 49 23.39 23.62 18.17
N ILE B 50 24.61 23.30 17.76
CA ILE B 50 24.96 21.98 17.27
C ILE B 50 25.95 21.39 18.28
N LEU B 51 25.52 20.35 18.99
CA LEU B 51 26.31 19.73 20.05
C LEU B 51 26.89 18.41 19.58
N ARG B 52 28.10 18.09 20.05
CA ARG B 52 28.70 16.79 19.83
C ARG B 52 28.88 16.13 21.19
N VAL B 53 28.45 14.86 21.28
CA VAL B 53 28.44 14.12 22.54
C VAL B 53 29.30 12.87 22.40
N ASN B 54 30.18 12.66 23.36
CA ASN B 54 31.01 11.48 23.34
C ASN B 54 30.17 10.28 23.80
N PRO B 55 30.06 9.21 23.01
CA PRO B 55 29.25 8.05 23.46
C PRO B 55 29.74 7.47 24.79
N GLU B 56 31.05 7.24 24.95
CA GLU B 56 31.55 6.63 26.17
C GLU B 56 31.22 7.48 27.40
N SER B 57 31.77 8.69 27.45
CA SER B 57 31.69 9.48 28.68
C SER B 57 30.48 10.40 28.76
N GLY B 58 29.85 10.71 27.63
CA GLY B 58 28.78 11.68 27.63
C GLY B 58 29.23 13.12 27.66
N SER B 59 30.53 13.39 27.57
CA SER B 59 31.01 14.76 27.50
C SER B 59 30.41 15.44 26.27
N VAL B 60 30.07 16.71 26.41
CA VAL B 60 29.38 17.44 25.36
C VAL B 60 30.16 18.72 25.07
N LYS B 61 30.26 19.05 23.78
CA LYS B 61 30.85 20.29 23.32
C LYS B 61 29.87 20.98 22.39
N THR B 62 29.69 22.28 22.57
CA THR B 62 28.90 23.10 21.65
C THR B 62 29.82 23.43 20.48
N VAL B 63 29.69 22.69 19.38
CA VAL B 63 30.59 22.86 18.24
C VAL B 63 30.33 24.18 17.54
N PHE B 64 29.06 24.55 17.39
CA PHE B 64 28.67 25.74 16.65
C PHE B 64 27.28 26.15 17.09
N GLN B 65 26.97 27.41 16.97
CA GLN B 65 25.62 27.92 17.14
C GLN B 65 25.26 28.73 15.91
N VAL B 66 24.21 28.30 15.21
CA VAL B 66 23.78 28.98 13.98
C VAL B 66 23.27 30.36 14.39
N PRO B 67 23.89 31.44 13.91
CA PRO B 67 23.45 32.77 14.34
C PRO B 67 22.08 33.12 13.80
N GLU B 68 21.37 33.93 14.58
CA GLU B 68 20.15 34.61 14.12
C GLU B 68 19.04 33.63 13.80
N ILE B 69 19.07 32.43 14.39
CA ILE B 69 17.93 31.53 14.32
C ILE B 69 16.76 32.16 15.08
N VAL B 70 15.58 32.15 14.46
CA VAL B 70 14.36 32.67 15.06
C VAL B 70 13.55 31.49 15.59
N ASN B 71 13.16 31.54 16.86
CA ASN B 71 12.35 30.51 17.48
C ASN B 71 11.34 31.18 18.39
N ASP B 72 10.09 30.73 18.30
CA ASP B 72 9.02 31.19 19.17
C ASP B 72 8.77 30.13 20.24
N ALA B 73 8.51 30.59 21.48
CA ALA B 73 8.40 29.64 22.59
C ALA B 73 7.29 28.61 22.33
N ASP B 74 6.21 29.03 21.67
CA ASP B 74 5.08 28.16 21.39
C ASP B 74 5.13 27.57 19.98
N GLY B 75 6.23 27.74 19.29
CA GLY B 75 6.28 27.37 17.89
C GLY B 75 7.18 26.20 17.57
N GLN B 76 7.01 25.65 16.37
CA GLN B 76 7.78 24.52 15.90
C GLN B 76 8.91 24.98 14.98
N ASN B 77 9.24 26.27 15.02
CA ASN B 77 10.25 26.83 14.13
C ASN B 77 11.60 26.82 14.85
N GLY B 78 12.64 27.19 14.11
CA GLY B 78 13.98 27.27 14.65
C GLY B 78 15.00 26.59 13.77
N LEU B 79 15.98 25.92 14.38
CA LEU B 79 16.96 25.11 13.64
C LEU B 79 16.35 23.74 13.38
N LEU B 80 16.33 23.32 12.11
CA LEU B 80 15.55 22.16 11.69
C LEU B 80 16.42 21.14 10.96
N GLY B 81 16.66 21.34 9.68
CA GLY B 81 17.41 20.36 8.91
C GLY B 81 18.84 20.24 9.38
N PHE B 82 19.39 19.04 9.23
CA PHE B 82 20.75 18.73 9.71
C PHE B 82 21.24 17.45 9.04
N ALA B 83 22.29 17.55 8.23
CA ALA B 83 22.87 16.37 7.60
C ALA B 83 24.35 16.61 7.32
N PHE B 84 25.12 15.52 7.32
CA PHE B 84 26.50 15.54 6.86
C PHE B 84 26.57 15.18 5.38
N HIS B 85 27.56 15.72 4.69
CA HIS B 85 27.87 15.21 3.36
C HIS B 85 28.26 13.73 3.45
N PRO B 86 27.76 12.88 2.54
CA PRO B 86 28.03 11.44 2.66
C PRO B 86 29.50 11.07 2.46
N ASP B 87 30.26 11.90 1.78
CA ASP B 87 31.69 11.66 1.62
C ASP B 87 32.45 12.72 2.40
N PHE B 88 32.28 12.71 3.72
CA PHE B 88 32.74 13.81 4.57
C PHE B 88 34.26 13.92 4.59
N LYS B 89 34.98 12.80 4.45
CA LYS B 89 36.44 12.86 4.44
C LYS B 89 36.95 13.81 3.38
N ASN B 90 36.33 13.77 2.20
CA ASN B 90 36.74 14.60 1.08
C ASN B 90 35.84 15.82 0.90
N ASN B 91 34.75 15.90 1.65
CA ASN B 91 33.76 16.96 1.48
C ASN B 91 33.18 17.29 2.85
N PRO B 92 33.93 18.01 3.67
CA PRO B 92 33.55 18.19 5.09
C PRO B 92 32.47 19.24 5.24
N TYR B 93 31.27 18.92 4.73
CA TYR B 93 30.17 19.88 4.71
C TYR B 93 29.03 19.41 5.61
N ILE B 94 28.40 20.37 6.27
CA ILE B 94 27.20 20.13 7.06
C ILE B 94 26.09 20.98 6.45
N TYR B 95 24.93 20.38 6.23
CA TYR B 95 23.79 21.04 5.62
C TYR B 95 22.70 21.22 6.69
N ILE B 96 22.19 22.44 6.79
CA ILE B 96 21.14 22.74 7.74
C ILE B 96 20.01 23.51 7.05
N SER B 97 18.87 23.53 7.72
CA SER B 97 17.80 24.48 7.42
C SER B 97 17.42 25.17 8.73
N GLY B 98 16.93 26.40 8.59
CA GLY B 98 16.55 27.15 9.77
C GLY B 98 15.59 28.26 9.46
N THR B 99 14.89 28.69 10.52
CA THR B 99 14.01 29.85 10.48
C THR B 99 14.85 31.11 10.67
N PHE B 100 14.77 32.03 9.70
CA PHE B 100 15.45 33.31 9.77
C PHE B 100 14.49 34.44 9.40
N LYS B 101 14.77 35.64 9.91
CA LYS B 101 13.96 36.77 9.50
C LYS B 101 14.03 36.94 7.99
N ASN B 102 12.90 37.34 7.39
CA ASN B 102 12.83 37.64 5.97
C ASN B 102 12.73 39.15 5.80
N PRO B 103 13.79 39.86 5.41
CA PRO B 103 13.72 41.33 5.38
C PRO B 103 12.79 41.88 4.31
N LYS B 104 12.41 41.10 3.29
CA LYS B 104 11.46 41.59 2.31
C LYS B 104 10.02 41.12 2.57
N SER B 105 9.74 40.56 3.73
CA SER B 105 8.37 40.16 4.03
C SER B 105 7.50 41.39 4.16
N THR B 106 6.31 41.33 3.55
CA THR B 106 5.30 42.36 3.67
C THR B 106 4.05 41.77 4.34
N ASP B 107 4.28 40.90 5.32
CA ASP B 107 3.25 40.17 6.03
C ASP B 107 3.72 40.07 7.48
N LYS B 108 3.22 40.95 8.35
CA LYS B 108 3.71 40.95 9.72
C LYS B 108 3.27 39.69 10.48
N GLU B 109 2.27 38.97 9.99
CA GLU B 109 1.90 37.70 10.60
C GLU B 109 2.89 36.59 10.26
N LEU B 110 3.62 36.74 9.15
CA LEU B 110 4.57 35.74 8.68
C LEU B 110 5.88 36.45 8.33
N PRO B 111 6.65 36.87 9.33
CA PRO B 111 7.84 37.68 9.08
C PRO B 111 9.09 36.89 8.70
N ASN B 112 9.06 35.57 8.72
CA ASN B 112 10.29 34.81 8.55
C ASN B 112 10.31 34.04 7.24
N GLN B 113 11.48 33.47 6.97
CA GLN B 113 11.71 32.55 5.86
C GLN B 113 12.43 31.33 6.43
N THR B 114 12.44 30.26 5.64
CA THR B 114 13.32 29.14 5.88
C THR B 114 14.45 29.17 4.85
N ILE B 115 15.67 28.94 5.32
CA ILE B 115 16.84 28.90 4.46
C ILE B 115 17.52 27.55 4.63
N ILE B 116 17.89 26.92 3.50
CA ILE B 116 18.72 25.73 3.47
C ILE B 116 20.15 26.22 3.23
N ARG B 117 21.08 25.86 4.11
CA ARG B 117 22.40 26.47 4.17
C ARG B 117 23.46 25.40 4.36
N ARG B 118 24.59 25.61 3.70
CA ARG B 118 25.74 24.72 3.85
C ARG B 118 26.80 25.38 4.72
N TYR B 119 27.40 24.59 5.60
CA TYR B 119 28.56 25.00 6.39
C TYR B 119 29.71 24.06 6.09
N THR B 120 30.93 24.55 6.30
CA THR B 120 32.14 23.75 6.18
C THR B 120 32.68 23.48 7.57
N TYR B 121 32.99 22.22 7.87
CA TYR B 121 33.55 21.84 9.15
C TYR B 121 35.06 21.98 9.07
N ASN B 122 35.63 22.74 10.00
CA ASN B 122 37.07 22.94 10.09
C ASN B 122 37.57 22.08 11.26
N LYS B 123 38.23 20.98 10.95
CA LYS B 123 38.65 20.06 12.01
C LYS B 123 39.76 20.64 12.89
N SER B 124 40.51 21.61 12.37
CA SER B 124 41.61 22.15 13.16
C SER B 124 41.10 23.12 14.22
N THR B 125 40.11 23.93 13.88
CA THR B 125 39.46 24.81 14.86
C THR B 125 38.23 24.18 15.49
N ASP B 126 37.80 23.03 15.00
CA ASP B 126 36.66 22.26 15.53
C ASP B 126 35.42 23.14 15.64
N THR B 127 35.05 23.73 14.50
CA THR B 127 33.84 24.52 14.40
C THR B 127 33.42 24.59 12.94
N LEU B 128 32.33 25.30 12.69
CA LEU B 128 31.78 25.47 11.34
C LEU B 128 32.08 26.87 10.84
N GLU B 129 32.17 27.00 9.52
CA GLU B 129 32.58 28.25 8.90
C GLU B 129 32.13 28.29 7.45
N LYS B 130 32.28 29.47 6.84
CA LYS B 130 32.05 29.69 5.41
C LYS B 130 30.62 29.27 5.02
N PRO B 131 29.60 29.88 5.61
CA PRO B 131 28.22 29.55 5.22
C PRO B 131 27.94 29.91 3.76
N VAL B 132 27.06 29.11 3.15
CA VAL B 132 26.57 29.38 1.81
C VAL B 132 25.07 29.09 1.81
N ASP B 133 24.26 30.11 1.48
CA ASP B 133 22.82 29.87 1.33
C ASP B 133 22.53 29.10 0.05
N LEU B 134 21.91 27.93 0.20
CA LEU B 134 21.59 27.11 -0.98
C LEU B 134 20.20 27.44 -1.54
N LEU B 135 19.23 27.60 -0.66
CA LEU B 135 17.88 27.96 -1.09
C LEU B 135 17.22 28.76 0.01
N ALA B 136 16.86 30.01 -0.29
CA ALA B 136 16.28 30.93 0.67
C ALA B 136 14.88 31.33 0.20
N GLY B 137 14.19 32.08 1.05
CA GLY B 137 12.86 32.53 0.70
C GLY B 137 11.80 31.45 0.79
N LEU B 138 12.10 30.34 1.44
CA LEU B 138 11.11 29.30 1.64
C LEU B 138 10.08 29.74 2.69
N PRO B 139 8.87 29.18 2.63
CA PRO B 139 7.85 29.50 3.65
C PRO B 139 8.36 29.23 5.06
N SER B 140 7.79 29.96 5.99
CA SER B 140 8.07 29.79 7.41
C SER B 140 6.82 30.18 8.19
N SER B 141 6.57 29.44 9.28
CA SER B 141 5.49 29.72 10.22
C SER B 141 5.82 29.00 11.52
N LYS B 142 4.94 29.15 12.51
CA LYS B 142 5.11 28.48 13.79
C LYS B 142 4.73 27.01 13.77
N ASP B 143 3.99 26.54 12.75
CA ASP B 143 3.41 25.21 12.72
C ASP B 143 3.88 24.40 11.52
N HIS B 144 3.97 23.09 11.70
CA HIS B 144 4.20 22.14 10.60
C HIS B 144 5.30 22.61 9.65
N GLN B 145 6.46 22.84 10.24
CA GLN B 145 7.64 23.17 9.46
C GLN B 145 8.33 21.95 8.89
N SER B 146 8.31 20.80 9.60
CA SER B 146 8.97 19.56 9.17
C SER B 146 10.47 19.77 9.14
N GLY B 147 11.04 19.94 7.96
CA GLY B 147 12.44 20.28 7.82
C GLY B 147 13.45 19.15 7.91
N ARG B 148 13.05 17.91 7.65
CA ARG B 148 14.03 16.84 7.54
C ARG B 148 14.85 17.00 6.27
N LEU B 149 16.16 16.87 6.40
CA LEU B 149 17.11 17.10 5.32
C LEU B 149 18.05 15.91 5.23
N VAL B 150 18.03 15.23 4.07
CA VAL B 150 18.89 14.06 3.86
C VAL B 150 19.51 14.16 2.48
N ILE B 151 20.65 13.51 2.33
CA ILE B 151 21.35 13.41 1.04
C ILE B 151 21.12 12.00 0.51
N GLY B 152 20.56 11.91 -0.68
CA GLY B 152 20.23 10.64 -1.28
C GLY B 152 21.41 10.00 -1.96
N PRO B 153 21.22 8.75 -2.39
CA PRO B 153 22.30 8.04 -3.11
C PRO B 153 22.68 8.71 -4.40
N ASP B 154 21.78 9.53 -4.98
CA ASP B 154 22.05 10.36 -6.14
C ASP B 154 22.75 11.65 -5.78
N GLN B 155 23.15 11.84 -4.52
CA GLN B 155 23.85 13.04 -4.06
C GLN B 155 23.02 14.29 -4.27
N LYS B 156 21.70 14.16 -4.18
CA LYS B 156 20.82 15.31 -4.13
C LYS B 156 20.33 15.51 -2.70
N ILE B 157 20.00 16.75 -2.38
CA ILE B 157 19.36 17.06 -1.12
C ILE B 157 17.85 16.79 -1.24
N TYR B 158 17.30 16.03 -0.30
CA TYR B 158 15.86 15.84 -0.16
C TYR B 158 15.44 16.53 1.14
N TYR B 159 14.42 17.38 1.04
CA TYR B 159 14.06 18.26 2.13
C TYR B 159 12.55 18.28 2.28
N THR B 160 12.05 17.95 3.46
CA THR B 160 10.62 18.01 3.71
C THR B 160 10.23 19.39 4.24
N ILE B 161 9.15 19.95 3.71
CA ILE B 161 8.66 21.25 4.17
C ILE B 161 7.15 21.13 4.39
N GLY B 162 6.72 21.31 5.64
CA GLY B 162 5.33 21.05 5.98
C GLY B 162 4.38 22.11 5.46
N ASP B 163 3.09 21.84 5.68
CA ASP B 163 2.05 22.70 5.12
C ASP B 163 1.87 24.01 5.93
N GLN B 164 2.78 24.32 6.86
CA GLN B 164 2.80 25.57 7.64
C GLN B 164 1.62 25.72 8.60
N GLY B 165 0.82 24.68 8.78
CA GLY B 165 -0.31 24.69 9.69
C GLY B 165 -1.58 25.28 9.14
N ARG B 166 -1.61 25.62 7.86
CA ARG B 166 -2.80 26.19 7.26
C ARG B 166 -3.97 25.24 7.40
N ASN B 167 -5.13 25.82 7.72
CA ASN B 167 -6.39 25.12 7.93
C ASN B 167 -6.49 24.43 9.29
N GLN B 168 -5.71 24.86 10.28
CA GLN B 168 -5.92 24.46 11.65
C GLN B 168 -5.47 25.58 12.59
N LEU B 169 -6.17 25.69 13.73
CA LEU B 169 -5.79 26.54 14.85
C LEU B 169 -5.38 27.95 14.42
N ALA B 170 -4.16 28.36 14.72
CA ALA B 170 -3.79 29.75 14.51
C ALA B 170 -3.77 30.15 13.05
N TYR B 171 -3.76 29.20 12.13
CA TYR B 171 -3.75 29.47 10.70
C TYR B 171 -4.99 28.89 10.02
N LEU B 172 -6.08 28.80 10.78
CA LEU B 172 -7.28 28.10 10.34
C LEU B 172 -7.78 28.60 8.99
N PHE B 173 -7.79 29.92 8.75
CA PHE B 173 -8.43 30.44 7.56
C PHE B 173 -7.47 30.70 6.42
N LEU B 174 -6.18 30.36 6.57
CA LEU B 174 -5.29 30.48 5.43
C LEU B 174 -5.46 29.29 4.49
N PRO B 175 -5.43 29.50 3.18
CA PRO B 175 -5.67 28.38 2.24
C PRO B 175 -4.45 27.47 2.18
N ASN B 176 -4.67 26.19 2.43
CA ASN B 176 -3.59 25.21 2.37
C ASN B 176 -3.01 25.10 0.97
N GLN B 177 -1.69 25.06 0.89
CA GLN B 177 -1.02 25.01 -0.40
C GLN B 177 -0.36 23.68 -0.71
N ALA B 178 -0.65 22.63 0.06
CA ALA B 178 0.01 21.36 -0.15
C ALA B 178 -0.22 20.82 -1.55
N GLN B 179 -1.39 21.09 -2.14
CA GLN B 179 -1.66 20.66 -3.50
C GLN B 179 -1.14 21.62 -4.57
N HIS B 180 -0.70 22.82 -4.23
CA HIS B 180 -0.38 23.80 -5.25
C HIS B 180 1.09 23.74 -5.64
N THR B 181 1.36 24.18 -6.87
CA THR B 181 2.68 24.13 -7.45
C THR B 181 2.97 25.45 -8.16
N PRO B 182 4.24 25.81 -8.31
CA PRO B 182 4.56 27.14 -8.85
C PRO B 182 4.30 27.22 -10.34
N THR B 183 3.97 28.42 -10.79
CA THR B 183 4.03 28.77 -12.20
C THR B 183 5.49 29.03 -12.56
N GLN B 184 5.77 29.01 -13.87
CA GLN B 184 7.11 29.37 -14.32
C GLN B 184 7.45 30.80 -13.91
N GLN B 185 6.45 31.68 -13.90
CA GLN B 185 6.67 33.06 -13.51
C GLN B 185 7.10 33.15 -12.05
N GLU B 186 6.42 32.40 -11.18
CA GLU B 186 6.82 32.39 -9.77
C GLU B 186 8.23 31.87 -9.60
N LEU B 187 8.58 30.80 -10.34
CA LEU B 187 9.93 30.27 -10.26
C LEU B 187 10.93 31.32 -10.68
N ASN B 188 10.65 32.02 -11.78
CA ASN B 188 11.56 33.04 -12.28
C ASN B 188 11.83 34.09 -11.20
N GLY B 189 10.82 34.45 -10.44
CA GLY B 189 10.91 35.41 -9.37
C GLY B 189 11.34 34.84 -8.05
N LYS B 190 11.64 33.54 -7.99
CA LYS B 190 12.01 32.86 -6.75
C LYS B 190 10.93 33.04 -5.69
N ASP B 191 9.69 32.95 -6.13
CA ASP B 191 8.52 33.02 -5.27
C ASP B 191 8.13 31.59 -4.94
N TYR B 192 8.49 31.16 -3.73
CA TYR B 192 8.33 29.76 -3.33
C TYR B 192 7.18 29.57 -2.35
N HIS B 193 6.13 30.40 -2.47
CA HIS B 193 5.01 30.29 -1.55
C HIS B 193 4.26 28.96 -1.71
N THR B 194 4.36 28.31 -2.85
CA THR B 194 3.75 27.00 -3.01
C THR B 194 4.61 25.86 -2.45
N TYR B 195 5.85 26.15 -2.02
CA TYR B 195 6.69 25.14 -1.38
C TYR B 195 6.23 24.90 0.06
N MET B 196 4.99 24.41 0.18
CA MET B 196 4.35 24.06 1.45
C MET B 196 3.78 22.66 1.26
N GLY B 197 4.03 21.78 2.22
CA GLY B 197 3.53 20.43 2.13
C GLY B 197 4.15 19.60 1.02
N LYS B 198 5.47 19.67 0.93
CA LYS B 198 6.22 19.08 -0.16
C LYS B 198 7.42 18.30 0.36
N VAL B 199 7.90 17.35 -0.46
CA VAL B 199 9.29 16.92 -0.42
C VAL B 199 9.99 17.61 -1.58
N LEU B 200 11.04 18.37 -1.27
CA LEU B 200 11.85 19.03 -2.27
C LEU B 200 13.07 18.15 -2.57
N ARG B 201 13.54 18.24 -3.81
CA ARG B 201 14.77 17.60 -4.25
C ARG B 201 15.62 18.66 -4.91
N LEU B 202 16.78 18.93 -4.33
CA LEU B 202 17.65 20.00 -4.75
C LEU B 202 19.01 19.45 -5.15
N ASN B 203 19.63 20.12 -6.12
CA ASN B 203 21.06 19.93 -6.35
C ASN B 203 21.84 20.44 -5.12
N LEU B 204 23.08 19.98 -4.97
CA LEU B 204 23.85 20.36 -3.79
C LEU B 204 24.13 21.85 -3.73
N ASP B 205 24.09 22.54 -4.87
CA ASP B 205 24.25 23.99 -4.89
C ASP B 205 22.93 24.71 -4.73
N GLY B 206 21.83 23.98 -4.55
CA GLY B 206 20.53 24.59 -4.38
C GLY B 206 19.71 24.76 -5.64
N SER B 207 20.29 24.47 -6.80
CA SER B 207 19.58 24.65 -8.06
C SER B 207 18.57 23.53 -8.28
N ILE B 208 17.70 23.74 -9.27
CA ILE B 208 16.66 22.78 -9.62
C ILE B 208 17.26 21.66 -10.47
N PRO B 209 17.20 20.41 -10.01
CA PRO B 209 17.63 19.31 -10.88
C PRO B 209 16.79 19.27 -12.16
N LYS B 210 17.47 19.12 -13.30
CA LYS B 210 16.77 19.06 -14.58
C LYS B 210 15.90 17.82 -14.69
N ASP B 211 16.19 16.77 -13.93
CA ASP B 211 15.40 15.55 -13.96
C ASP B 211 14.36 15.49 -12.85
N ASN B 212 14.06 16.62 -12.20
CA ASN B 212 12.98 16.65 -11.24
C ASN B 212 11.65 16.44 -11.97
N PRO B 213 10.64 15.94 -11.26
CA PRO B 213 9.35 15.70 -11.91
C PRO B 213 8.70 17.00 -12.32
N SER B 214 7.80 16.90 -13.30
CA SER B 214 7.00 18.02 -13.74
C SER B 214 5.64 17.99 -13.06
N PHE B 215 5.16 19.16 -12.66
CA PHE B 215 3.87 19.31 -12.00
C PHE B 215 3.17 20.46 -12.70
N ASN B 216 1.97 20.21 -13.24
CA ASN B 216 1.21 21.24 -13.95
C ASN B 216 2.11 21.93 -14.97
N GLY B 217 2.91 21.13 -15.66
CA GLY B 217 3.75 21.62 -16.75
C GLY B 217 5.00 22.38 -16.36
N VAL B 218 5.44 22.32 -15.11
CA VAL B 218 6.61 23.05 -14.65
C VAL B 218 7.46 22.15 -13.78
N VAL B 219 8.77 22.16 -14.01
CA VAL B 219 9.75 21.47 -13.18
C VAL B 219 10.32 22.47 -12.17
N SER B 220 10.13 22.18 -10.90
CA SER B 220 10.66 23.01 -9.82
C SER B 220 11.46 22.15 -8.85
N HIS B 221 11.75 22.70 -7.66
CA HIS B 221 12.38 21.91 -6.63
C HIS B 221 11.46 20.82 -6.09
N ILE B 222 10.16 20.87 -6.40
CA ILE B 222 9.22 19.92 -5.81
C ILE B 222 9.51 18.53 -6.37
N TYR B 223 9.61 17.55 -5.47
CA TYR B 223 9.70 16.13 -5.81
C TYR B 223 8.39 15.39 -5.58
N THR B 224 7.74 15.61 -4.45
CA THR B 224 6.39 15.13 -4.21
C THR B 224 5.61 16.23 -3.50
N LEU B 225 4.28 16.10 -3.51
CA LEU B 225 3.43 17.13 -2.94
C LEU B 225 2.30 16.45 -2.18
N GLY B 226 1.44 17.25 -1.56
CA GLY B 226 0.33 16.72 -0.81
C GLY B 226 0.68 16.18 0.56
N HIS B 227 1.55 16.87 1.30
CA HIS B 227 1.93 16.47 2.64
C HIS B 227 1.47 17.46 3.70
N ARG B 228 1.30 16.99 4.93
CA ARG B 228 0.87 17.83 6.05
C ARG B 228 2.09 18.21 6.86
N ASN B 229 2.56 17.33 7.75
CA ASN B 229 3.79 17.56 8.51
C ASN B 229 4.67 16.32 8.42
N PRO B 230 5.44 16.20 7.36
CA PRO B 230 6.33 15.04 7.20
C PRO B 230 7.68 15.17 7.87
N GLN B 231 7.77 14.74 9.13
CA GLN B 231 8.98 14.91 9.90
C GLN B 231 9.97 13.78 9.70
N GLY B 232 9.57 12.65 9.12
CA GLY B 232 10.46 11.50 8.95
C GLY B 232 10.79 11.27 7.48
N LEU B 233 12.08 11.06 7.22
CA LEU B 233 12.54 10.78 5.87
C LEU B 233 13.83 10.00 5.96
N ALA B 234 13.88 8.87 5.27
CA ALA B 234 15.07 8.02 5.32
C ALA B 234 15.14 7.11 4.10
N PHE B 235 16.32 7.02 3.51
CA PHE B 235 16.54 6.11 2.41
C PHE B 235 16.85 4.69 2.90
N THR B 236 16.39 3.71 2.11
CA THR B 236 16.66 2.31 2.38
C THR B 236 17.95 1.89 1.70
N PRO B 237 18.52 0.75 2.08
CA PRO B 237 19.80 0.34 1.47
C PRO B 237 19.69 0.08 -0.01
N ASN B 238 18.49 -0.17 -0.53
CA ASN B 238 18.30 -0.39 -1.96
C ASN B 238 17.73 0.85 -2.64
N GLY B 239 17.82 2.02 -1.99
CA GLY B 239 17.62 3.28 -2.66
C GLY B 239 16.20 3.79 -2.63
N LYS B 240 15.28 3.09 -1.94
CA LYS B 240 13.93 3.60 -1.79
C LYS B 240 13.89 4.63 -0.66
N LEU B 241 12.82 5.41 -0.66
CA LEU B 241 12.69 6.55 0.24
C LEU B 241 11.43 6.38 1.07
N LEU B 242 11.61 6.14 2.36
CA LEU B 242 10.51 5.98 3.30
C LEU B 242 10.34 7.27 4.11
N GLN B 243 9.17 7.41 4.71
CA GLN B 243 8.77 8.71 5.23
C GLN B 243 7.70 8.48 6.29
N SER B 244 7.71 9.32 7.33
CA SER B 244 6.57 9.39 8.24
C SER B 244 6.02 10.80 8.24
N GLU B 245 4.74 10.91 8.59
CA GLU B 245 4.01 12.16 8.48
C GLU B 245 2.89 12.21 9.51
N GLN B 246 2.70 13.38 10.12
CA GLN B 246 1.63 13.56 11.10
C GLN B 246 0.34 13.95 10.36
N GLY B 247 -0.72 13.21 10.63
CA GLY B 247 -2.07 13.59 10.25
C GLY B 247 -2.75 14.46 11.28
N PRO B 248 -4.03 14.82 11.00
CA PRO B 248 -4.81 15.67 11.92
C PRO B 248 -5.31 14.92 13.16
N ASN B 249 -6.65 14.70 13.27
CA ASN B 249 -7.11 13.86 14.37
C ASN B 249 -6.87 12.36 14.15
N SER B 250 -6.40 11.98 12.97
CA SER B 250 -6.29 10.59 12.56
C SER B 250 -5.23 10.52 11.47
N ASP B 251 -4.94 9.29 11.08
CA ASP B 251 -4.22 9.01 9.85
C ASP B 251 -2.85 9.68 9.77
N ASP B 252 -2.08 9.56 10.86
CA ASP B 252 -0.63 9.64 10.69
C ASP B 252 -0.23 8.59 9.66
N GLU B 253 0.88 8.82 8.95
CA GLU B 253 1.22 7.97 7.84
C GLU B 253 2.67 7.53 7.83
N ILE B 254 2.87 6.31 7.33
CA ILE B 254 4.14 5.85 6.78
C ILE B 254 3.96 5.81 5.27
N ASN B 255 4.82 6.51 4.55
CA ASN B 255 4.73 6.62 3.11
C ASN B 255 6.00 6.10 2.43
N LEU B 256 5.80 5.61 1.21
CA LEU B 256 6.87 5.35 0.26
C LEU B 256 6.88 6.50 -0.75
N ILE B 257 7.98 7.26 -0.78
CA ILE B 257 8.07 8.47 -1.58
C ILE B 257 8.57 8.11 -2.96
N VAL B 258 7.74 8.39 -3.97
CA VAL B 258 8.07 8.07 -5.35
C VAL B 258 7.99 9.34 -6.18
N LYS B 259 8.96 9.50 -7.08
CA LYS B 259 9.11 10.72 -7.87
C LYS B 259 7.81 11.13 -8.55
N GLY B 260 7.38 12.35 -8.26
CA GLY B 260 6.18 12.91 -8.85
C GLY B 260 4.88 12.55 -8.19
N GLY B 261 4.92 11.85 -7.05
CA GLY B 261 3.71 11.43 -6.41
C GLY B 261 3.01 12.56 -5.70
N ASN B 262 1.71 12.34 -5.51
CA ASN B 262 0.82 13.25 -4.79
C ASN B 262 0.25 12.50 -3.59
N TYR B 263 0.59 12.95 -2.38
CA TYR B 263 0.23 12.20 -1.19
C TYR B 263 -1.06 12.70 -0.56
N GLY B 264 -1.84 13.50 -1.29
CA GLY B 264 -3.25 13.69 -1.05
C GLY B 264 -3.64 14.83 -0.11
N TRP B 265 -2.77 15.22 0.81
CA TRP B 265 -3.18 16.20 1.81
C TRP B 265 -3.42 17.55 1.13
N PRO B 266 -4.46 18.32 1.52
CA PRO B 266 -5.42 18.11 2.59
C PRO B 266 -6.69 17.40 2.16
N ASN B 267 -6.79 17.05 0.86
CA ASN B 267 -8.02 16.46 0.35
C ASN B 267 -8.22 15.04 0.87
N VAL B 268 -7.15 14.35 1.22
CA VAL B 268 -7.18 12.94 1.63
C VAL B 268 -6.24 12.76 2.80
N ALA B 269 -6.76 12.29 3.93
CA ALA B 269 -5.95 11.89 5.07
C ALA B 269 -5.83 10.37 5.08
N GLY B 270 -4.62 9.86 4.90
CA GLY B 270 -4.44 8.42 4.90
C GLY B 270 -4.93 7.84 3.61
N TYR B 271 -5.69 6.74 3.72
CA TYR B 271 -6.28 6.15 2.53
C TYR B 271 -7.41 7.02 2.01
N LYS B 272 -7.72 6.87 0.70
CA LYS B 272 -8.92 7.51 0.13
C LYS B 272 -10.09 6.57 0.44
N ASP B 273 -10.58 6.66 1.69
CA ASP B 273 -11.57 5.72 2.20
C ASP B 273 -12.84 6.36 2.73
N ASP B 274 -12.93 7.70 2.76
CA ASP B 274 -14.04 8.40 3.39
C ASP B 274 -14.32 7.88 4.80
N SER B 275 -13.26 7.56 5.51
CA SER B 275 -13.40 6.94 6.83
C SER B 275 -12.75 7.83 7.89
N GLY B 276 -13.57 8.58 8.61
CA GLY B 276 -13.10 9.32 9.76
C GLY B 276 -12.48 10.67 9.50
N TYR B 277 -12.47 11.13 8.25
CA TYR B 277 -11.93 12.43 7.88
C TYR B 277 -12.68 12.92 6.66
N ALA B 278 -12.89 14.23 6.58
CA ALA B 278 -13.30 14.91 5.35
C ALA B 278 -12.59 16.25 5.33
N TYR B 279 -12.45 16.82 4.13
CA TYR B 279 -11.70 18.05 3.96
C TYR B 279 -12.65 19.23 4.08
N ALA B 280 -12.58 19.90 5.23
CA ALA B 280 -13.30 21.15 5.47
C ALA B 280 -12.36 22.32 5.25
N ASN B 281 -12.64 23.14 4.23
CA ASN B 281 -11.75 24.21 3.79
C ASN B 281 -12.17 25.55 4.41
N TYR B 282 -11.59 25.87 5.58
CA TYR B 282 -12.02 27.07 6.29
C TYR B 282 -11.65 28.34 5.54
N SER B 283 -10.65 28.31 4.66
CA SER B 283 -10.33 29.51 3.88
C SER B 283 -11.46 29.84 2.91
N ALA B 284 -12.31 28.88 2.58
CA ALA B 284 -13.46 29.10 1.73
C ALA B 284 -14.76 29.25 2.52
N ALA B 285 -14.68 29.33 3.85
CA ALA B 285 -15.88 29.48 4.66
C ALA B 285 -16.53 30.84 4.42
N ALA B 286 -17.83 30.91 4.69
CA ALA B 286 -18.59 32.12 4.45
C ALA B 286 -18.06 33.30 5.25
N ASN B 287 -17.51 33.07 6.44
CA ASN B 287 -16.96 34.14 7.26
C ASN B 287 -15.99 33.53 8.27
N LYS B 288 -15.13 34.38 8.83
CA LYS B 288 -14.06 33.91 9.70
C LYS B 288 -14.43 33.90 11.18
N SER B 289 -15.70 34.07 11.53
CA SER B 289 -16.13 33.84 12.89
C SER B 289 -16.62 32.42 13.13
N ILE B 290 -16.64 31.59 12.08
CA ILE B 290 -17.03 30.20 12.21
C ILE B 290 -15.99 29.47 13.06
N LYS B 291 -16.46 28.47 13.80
CA LYS B 291 -15.62 27.71 14.71
C LYS B 291 -15.32 26.35 14.11
N ASP B 292 -14.08 25.87 14.34
CA ASP B 292 -13.66 24.52 13.94
C ASP B 292 -14.10 23.57 15.04
N LEU B 293 -15.08 22.70 14.74
CA LEU B 293 -15.56 21.74 15.73
C LEU B 293 -14.50 20.72 16.11
N ALA B 294 -13.41 20.62 15.33
CA ALA B 294 -12.29 19.72 15.64
C ALA B 294 -12.76 18.27 15.69
N GLN B 295 -13.69 17.93 14.82
CA GLN B 295 -14.15 16.57 14.61
C GLN B 295 -13.64 16.02 13.26
N ASN B 296 -12.47 16.50 12.85
CA ASN B 296 -11.75 15.96 11.69
C ASN B 296 -12.51 16.10 10.37
N GLY B 297 -13.41 17.10 10.31
CA GLY B 297 -14.22 17.34 9.13
C GLY B 297 -15.44 16.43 8.98
N VAL B 298 -15.61 15.44 9.87
CA VAL B 298 -16.78 14.57 9.78
C VAL B 298 -18.04 15.33 10.14
N LYS B 299 -17.95 16.20 11.15
CA LYS B 299 -18.99 17.14 11.49
C LYS B 299 -18.35 18.51 11.60
N VAL B 300 -18.93 19.49 10.90
CA VAL B 300 -18.40 20.85 10.88
C VAL B 300 -19.52 21.84 11.14
N ALA B 301 -19.12 23.06 11.51
CA ALA B 301 -20.08 24.13 11.67
C ALA B 301 -20.60 24.58 10.31
N ALA B 302 -21.78 25.18 10.34
CA ALA B 302 -22.38 25.68 9.11
C ALA B 302 -21.49 26.74 8.48
N GLY B 303 -21.38 26.69 7.16
CA GLY B 303 -20.70 27.71 6.38
C GLY B 303 -19.32 27.34 5.89
N VAL B 304 -18.83 26.15 6.21
CA VAL B 304 -17.51 25.71 5.75
C VAL B 304 -17.71 24.61 4.72
N PRO B 305 -17.17 24.76 3.50
CA PRO B 305 -17.38 23.72 2.48
C PRO B 305 -16.59 22.48 2.80
N VAL B 306 -17.26 21.32 2.67
CA VAL B 306 -16.62 20.04 2.94
C VAL B 306 -16.58 19.23 1.65
N THR B 307 -15.43 18.58 1.39
CA THR B 307 -15.24 17.71 0.24
C THR B 307 -14.84 16.34 0.77
N LYS B 308 -15.59 15.31 0.39
CA LYS B 308 -15.21 13.96 0.78
C LYS B 308 -13.91 13.59 0.08
N GLU B 309 -13.15 12.67 0.69
CA GLU B 309 -11.94 12.17 0.05
C GLU B 309 -12.25 11.63 -1.35
N SER B 310 -13.39 10.97 -1.51
CA SER B 310 -13.76 10.36 -2.77
C SER B 310 -14.29 11.35 -3.80
N GLU B 311 -14.57 12.58 -3.38
CA GLU B 311 -15.04 13.63 -4.28
C GLU B 311 -13.91 14.46 -4.87
N TRP B 312 -12.71 14.33 -4.32
CA TRP B 312 -11.54 15.03 -4.83
C TRP B 312 -11.16 14.57 -6.22
N THR B 313 -10.90 15.53 -7.12
CA THR B 313 -10.38 15.21 -8.45
C THR B 313 -8.85 15.31 -8.35
N GLY B 314 -8.18 14.17 -8.18
CA GLY B 314 -6.75 14.19 -7.95
C GLY B 314 -5.97 13.54 -9.05
N LYS B 315 -4.68 13.80 -9.07
CA LYS B 315 -3.76 13.18 -10.03
C LYS B 315 -2.54 12.66 -9.28
N ASN B 316 -2.14 11.42 -9.62
CA ASN B 316 -0.97 10.76 -9.05
C ASN B 316 -1.11 10.54 -7.56
N PHE B 317 -2.34 10.35 -7.06
CA PHE B 317 -2.51 10.11 -5.63
C PHE B 317 -1.88 8.79 -5.22
N VAL B 318 -1.03 8.86 -4.18
CA VAL B 318 -0.30 7.73 -3.64
C VAL B 318 -0.75 7.51 -2.21
N PRO B 319 -1.29 6.34 -1.88
CA PRO B 319 -1.76 6.09 -0.52
C PRO B 319 -0.61 5.68 0.40
N PRO B 320 -0.80 5.82 1.71
CA PRO B 320 0.24 5.39 2.64
C PRO B 320 0.42 3.87 2.67
N LEU B 321 1.63 3.48 3.06
CA LEU B 321 1.91 2.08 3.37
C LEU B 321 1.24 1.61 4.66
N LYS B 322 1.07 2.51 5.62
CA LYS B 322 0.46 2.23 6.90
C LYS B 322 -0.07 3.54 7.49
N THR B 323 -1.24 3.47 8.15
CA THR B 323 -1.79 4.58 8.91
C THR B 323 -1.80 4.25 10.41
N LEU B 324 -1.53 5.27 11.21
CA LEU B 324 -1.44 5.15 12.68
C LEU B 324 -2.24 6.34 13.20
N TYR B 325 -3.58 6.27 13.12
CA TYR B 325 -4.43 5.14 12.75
C TYR B 325 -5.63 5.61 11.94
N THR B 326 -6.40 4.65 11.44
CA THR B 326 -7.62 4.97 10.73
C THR B 326 -8.81 4.46 11.53
N VAL B 327 -9.87 5.26 11.60
CA VAL B 327 -11.06 4.94 12.36
C VAL B 327 -12.30 5.16 11.51
N GLN B 328 -13.42 4.67 12.02
CA GLN B 328 -14.72 4.79 11.37
C GLN B 328 -15.25 6.22 11.44
N ASP B 329 -16.19 6.54 10.52
CA ASP B 329 -16.87 7.83 10.53
C ASP B 329 -17.58 8.09 11.86
N THR B 330 -18.12 7.04 12.49
CA THR B 330 -18.83 7.20 13.75
C THR B 330 -17.90 7.31 14.96
N TYR B 331 -16.59 7.30 14.74
CA TYR B 331 -15.66 7.45 15.86
C TYR B 331 -15.91 8.77 16.57
N ASN B 332 -15.77 8.75 17.88
CA ASN B 332 -16.05 9.92 18.71
C ASN B 332 -14.74 10.63 19.03
N TYR B 333 -14.43 11.70 18.30
CA TYR B 333 -13.23 12.47 18.59
C TYR B 333 -13.34 13.23 19.91
N ASN B 334 -14.54 13.35 20.46
CA ASN B 334 -14.75 13.95 21.77
C ASN B 334 -15.01 12.89 22.85
N ASP B 335 -14.65 11.63 22.58
CA ASP B 335 -14.99 10.49 23.41
C ASP B 335 -14.91 10.85 24.89
N PRO B 336 -16.04 10.93 25.58
CA PRO B 336 -16.00 11.28 27.02
C PRO B 336 -15.36 10.20 27.89
N THR B 337 -15.07 9.00 27.37
CA THR B 337 -14.55 7.94 28.25
C THR B 337 -13.09 8.12 28.63
N CYS B 338 -12.40 9.10 28.09
CA CYS B 338 -11.24 9.67 28.75
C CYS B 338 -11.59 11.08 29.18
N GLY B 339 -10.60 11.77 29.74
CA GLY B 339 -10.89 12.96 30.51
C GLY B 339 -11.42 14.16 29.74
N GLU B 340 -11.30 15.33 30.36
CA GLU B 340 -11.62 16.58 29.69
C GLU B 340 -10.71 16.84 28.49
N MET B 341 -9.59 16.12 28.41
CA MET B 341 -8.59 16.32 27.37
C MET B 341 -8.71 15.17 26.38
N THR B 342 -9.72 15.28 25.49
CA THR B 342 -10.00 14.18 24.57
C THR B 342 -8.93 13.99 23.50
N PHE B 343 -8.14 15.02 23.20
CA PHE B 343 -7.17 14.90 22.11
C PHE B 343 -6.19 13.76 22.37
N ILE B 344 -5.86 13.50 23.64
CA ILE B 344 -4.89 12.44 23.90
C ILE B 344 -5.42 11.11 23.39
N CYS B 345 -6.74 10.96 23.32
CA CYS B 345 -7.39 9.75 22.86
C CYS B 345 -7.58 9.70 21.35
N TRP B 346 -7.29 10.79 20.64
CA TRP B 346 -7.44 10.77 19.19
C TRP B 346 -6.59 9.63 18.63
N PRO B 347 -7.08 9.00 17.54
CA PRO B 347 -6.36 7.83 16.97
C PRO B 347 -5.15 8.21 16.15
N THR B 348 -4.15 8.80 16.83
CA THR B 348 -2.90 9.21 16.22
C THR B 348 -1.75 8.88 17.19
N VAL B 349 -0.53 8.92 16.65
CA VAL B 349 0.67 8.73 17.48
C VAL B 349 1.65 9.89 17.38
N ALA B 350 1.41 10.80 16.45
CA ALA B 350 2.30 11.94 16.25
C ALA B 350 3.74 11.50 15.99
N PRO B 351 3.98 10.82 14.87
CA PRO B 351 5.35 10.39 14.54
C PRO B 351 6.26 11.58 14.27
N SER B 352 7.47 11.55 14.85
CA SER B 352 8.40 12.68 14.79
C SER B 352 9.62 12.42 13.90
N SER B 353 9.80 11.19 13.42
CA SER B 353 10.95 10.85 12.60
C SER B 353 10.68 9.51 11.93
N ALA B 354 11.68 9.03 11.18
CA ALA B 354 11.63 7.72 10.53
C ALA B 354 13.08 7.35 10.27
N TYR B 355 13.51 6.21 10.80
CA TYR B 355 14.91 5.80 10.75
C TYR B 355 15.03 4.37 10.26
N VAL B 356 15.83 4.17 9.22
CA VAL B 356 16.01 2.85 8.64
C VAL B 356 17.10 2.11 9.44
N TYR B 357 16.72 1.00 10.09
CA TYR B 357 17.66 0.24 10.91
C TYR B 357 18.50 -0.63 10.00
N LYS B 358 19.83 -0.43 10.04
CA LYS B 358 20.76 -1.09 9.14
C LYS B 358 21.52 -2.23 9.76
N GLY B 359 21.28 -2.57 11.03
CA GLY B 359 21.94 -3.70 11.63
C GLY B 359 23.42 -3.43 11.88
N GLY B 360 24.24 -4.44 11.62
CA GLY B 360 25.66 -4.38 11.90
C GLY B 360 26.16 -5.62 12.64
N LYS B 361 27.41 -5.55 13.11
CA LYS B 361 28.03 -6.73 13.69
C LYS B 361 27.33 -7.23 14.93
N LYS B 362 26.55 -6.38 15.60
CA LYS B 362 25.75 -6.78 16.76
C LYS B 362 24.28 -6.51 16.51
N ALA B 363 23.83 -6.75 15.27
CA ALA B 363 22.44 -6.52 14.90
C ALA B 363 21.48 -7.17 15.89
N ILE B 364 20.36 -6.50 16.12
CA ILE B 364 19.35 -7.00 17.05
C ILE B 364 18.51 -8.06 16.34
N THR B 365 18.35 -9.21 16.99
CA THR B 365 17.67 -10.35 16.38
C THR B 365 16.26 -9.97 15.97
N GLY B 366 15.92 -10.27 14.72
CA GLY B 366 14.59 -10.03 14.19
C GLY B 366 14.33 -8.64 13.64
N TRP B 367 15.29 -7.73 13.74
CA TRP B 367 15.08 -6.34 13.33
C TRP B 367 15.48 -6.08 11.87
N GLU B 368 15.74 -7.12 11.10
CA GLU B 368 16.10 -6.93 9.69
C GLU B 368 15.01 -6.15 8.96
N ASN B 369 15.43 -5.16 8.18
CA ASN B 369 14.52 -4.42 7.28
C ASN B 369 13.38 -3.75 8.05
N THR B 370 13.72 -3.16 9.19
CA THR B 370 12.76 -2.42 9.98
C THR B 370 12.97 -0.90 9.85
N LEU B 371 11.88 -0.20 10.11
CA LEU B 371 11.84 1.24 10.18
C LEU B 371 11.45 1.60 11.60
N LEU B 372 12.21 2.49 12.24
CA LEU B 372 11.94 2.92 13.60
C LEU B 372 11.27 4.29 13.55
N VAL B 373 10.11 4.38 14.16
CA VAL B 373 9.31 5.60 14.10
C VAL B 373 8.98 6.08 15.51
N PRO B 374 9.65 7.12 16.01
CA PRO B 374 9.32 7.63 17.35
C PRO B 374 7.96 8.31 17.39
N SER B 375 7.26 8.12 18.51
CA SER B 375 5.96 8.71 18.79
C SER B 375 6.05 9.75 19.90
N LEU B 376 5.56 10.94 19.61
CA LEU B 376 5.51 12.02 20.59
C LEU B 376 4.42 11.78 21.61
N LYS B 377 3.23 11.46 21.14
CA LYS B 377 2.04 11.45 21.99
C LYS B 377 1.91 10.19 22.81
N ARG B 378 2.41 9.07 22.30
CA ARG B 378 2.25 7.78 22.96
C ARG B 378 3.45 7.38 23.80
N GLY B 379 4.55 8.12 23.70
CA GLY B 379 5.73 7.75 24.45
C GLY B 379 6.20 6.35 24.13
N VAL B 380 6.23 5.99 22.84
CA VAL B 380 6.85 4.76 22.37
C VAL B 380 7.68 5.08 21.13
N ILE B 381 8.55 4.15 20.78
CA ILE B 381 9.18 4.10 19.48
C ILE B 381 8.64 2.86 18.75
N PHE B 382 8.09 3.06 17.57
CA PHE B 382 7.54 1.93 16.81
C PHE B 382 8.64 1.24 16.01
N ARG B 383 8.52 -0.09 15.91
CA ARG B 383 9.31 -0.88 14.99
C ARG B 383 8.35 -1.42 13.92
N ILE B 384 8.63 -1.09 12.66
CA ILE B 384 7.79 -1.48 11.54
C ILE B 384 8.64 -2.32 10.60
N LYS B 385 8.24 -3.58 10.42
CA LYS B 385 8.92 -4.49 9.52
C LYS B 385 8.48 -4.22 8.08
N LEU B 386 9.43 -4.30 7.15
CA LEU B 386 9.13 -4.38 5.73
C LEU B 386 9.72 -5.67 5.19
N ASP B 387 9.33 -6.02 3.95
CA ASP B 387 9.95 -7.16 3.28
C ASP B 387 11.37 -6.77 2.88
N PRO B 388 12.19 -7.74 2.48
CA PRO B 388 13.60 -7.45 2.18
C PRO B 388 13.80 -6.49 1.01
N THR B 389 12.82 -6.31 0.12
CA THR B 389 12.94 -5.30 -0.94
C THR B 389 12.38 -3.94 -0.55
N TYR B 390 11.93 -3.78 0.70
CA TYR B 390 11.32 -2.53 1.14
C TYR B 390 10.21 -2.12 0.17
N SER B 391 9.37 -3.09 -0.19
CA SER B 391 8.23 -2.82 -1.06
C SER B 391 6.91 -2.77 -0.31
N THR B 392 6.84 -3.35 0.89
CA THR B 392 5.60 -3.38 1.66
C THR B 392 5.98 -3.49 3.12
N THR B 393 5.08 -3.00 3.99
CA THR B 393 5.20 -3.35 5.38
C THR B 393 4.73 -4.79 5.58
N TYR B 394 5.22 -5.41 6.66
CA TYR B 394 4.75 -6.68 7.17
C TYR B 394 4.12 -6.44 8.53
N ASP B 395 2.89 -6.88 8.72
CA ASP B 395 2.23 -6.83 10.03
C ASP B 395 2.11 -5.39 10.50
N ASP B 396 2.21 -5.14 11.80
CA ASP B 396 1.77 -3.89 12.40
C ASP B 396 2.94 -3.09 12.95
N ALA B 397 2.66 -1.87 13.40
CA ALA B 397 3.66 -1.07 14.09
C ALA B 397 3.75 -1.56 15.53
N VAL B 398 4.94 -2.07 15.89
CA VAL B 398 5.17 -2.68 17.20
C VAL B 398 5.71 -1.61 18.14
N PRO B 399 5.02 -1.30 19.23
CA PRO B 399 5.53 -0.28 20.16
C PRO B 399 6.67 -0.80 21.02
N MET B 400 7.61 0.10 21.30
CA MET B 400 8.71 -0.14 22.21
C MET B 400 8.99 1.04 23.15
N PHE B 401 9.75 0.76 24.21
CA PHE B 401 10.27 1.79 25.12
C PHE B 401 9.17 2.69 25.68
N LYS B 402 8.05 2.09 26.07
CA LYS B 402 6.96 2.88 26.63
C LYS B 402 7.46 3.63 27.86
N SER B 403 7.20 4.94 27.86
CA SER B 403 7.51 5.81 29.00
C SER B 403 6.69 7.08 28.84
N ASN B 404 6.69 7.92 29.88
CA ASN B 404 6.04 9.22 29.80
C ASN B 404 7.01 10.26 29.22
N ASN B 405 7.41 10.02 27.99
CA ASN B 405 8.33 10.87 27.25
C ASN B 405 7.78 11.10 25.85
N ARG B 406 8.09 12.26 25.28
CA ARG B 406 7.79 12.58 23.89
C ARG B 406 9.03 12.25 23.06
N TYR B 407 9.03 11.10 22.40
CA TYR B 407 10.19 10.70 21.63
C TYR B 407 10.27 11.49 20.32
N ARG B 408 11.43 12.12 20.08
CA ARG B 408 11.60 13.08 18.99
C ARG B 408 12.47 12.55 17.86
N ASP B 409 13.45 11.69 18.11
CA ASP B 409 14.32 11.16 17.06
C ASP B 409 14.99 9.93 17.62
N VAL B 410 15.58 9.14 16.71
CA VAL B 410 16.22 7.89 17.07
C VAL B 410 17.18 7.54 15.98
N ILE B 411 18.36 7.04 16.40
CA ILE B 411 19.33 6.40 15.53
C ILE B 411 19.86 5.14 16.22
N ALA B 412 20.68 4.37 15.50
CA ALA B 412 21.35 3.21 16.06
C ALA B 412 22.86 3.34 15.84
N SER B 413 23.63 2.73 16.74
CA SER B 413 25.07 2.68 16.59
C SER B 413 25.44 1.84 15.37
N PRO B 414 26.65 2.01 14.84
CA PRO B 414 27.05 1.18 13.68
C PRO B 414 26.95 -0.31 13.94
N ASP B 415 27.26 -0.76 15.17
CA ASP B 415 27.18 -2.18 15.46
C ASP B 415 25.73 -2.65 15.54
N GLY B 416 24.81 -1.74 15.86
CA GLY B 416 23.38 -2.03 15.79
C GLY B 416 22.75 -2.43 17.11
N ASN B 417 23.51 -2.60 18.18
CA ASN B 417 22.95 -3.06 19.43
C ASN B 417 22.62 -1.91 20.38
N VAL B 418 22.90 -0.66 20.01
CA VAL B 418 22.62 0.49 20.85
C VAL B 418 21.77 1.47 20.05
N LEU B 419 20.71 1.95 20.67
CA LEU B 419 19.88 3.03 20.12
C LEU B 419 20.08 4.30 20.91
N TYR B 420 20.11 5.43 20.19
CA TYR B 420 20.19 6.75 20.80
C TYR B 420 18.91 7.51 20.41
N VAL B 421 18.32 8.13 21.42
CA VAL B 421 16.99 8.71 21.32
C VAL B 421 17.01 10.11 21.91
N LEU B 422 16.29 11.03 21.28
CA LEU B 422 16.02 12.35 21.82
C LEU B 422 14.57 12.43 22.30
N THR B 423 14.35 13.21 23.37
CA THR B 423 13.01 13.50 23.86
C THR B 423 12.78 15.01 23.96
N ASP B 424 11.51 15.40 23.86
CA ASP B 424 11.15 16.81 23.94
C ASP B 424 11.32 17.31 25.38
N THR B 425 11.58 18.62 25.49
CA THR B 425 11.68 19.24 26.81
C THR B 425 10.30 19.45 27.45
N ALA B 426 9.25 19.61 26.63
CA ALA B 426 7.93 19.93 27.15
C ALA B 426 6.88 19.44 26.17
N GLY B 427 5.68 19.23 26.68
CA GLY B 427 4.54 18.81 25.89
C GLY B 427 3.73 17.77 26.64
N ASN B 428 2.71 17.24 25.95
CA ASN B 428 1.81 16.25 26.52
C ASN B 428 2.18 14.85 26.03
N VAL B 429 1.90 13.86 26.88
CA VAL B 429 2.15 12.47 26.55
C VAL B 429 1.12 11.61 27.29
N GLN B 430 0.86 10.44 26.74
CA GLN B 430 -0.13 9.54 27.30
C GLN B 430 0.52 8.60 28.32
N LYS B 431 -0.10 8.51 29.48
CA LYS B 431 0.39 7.65 30.55
C LYS B 431 -0.04 6.20 30.31
N ASP B 432 0.53 5.30 31.13
CA ASP B 432 0.18 3.89 31.07
C ASP B 432 -1.32 3.70 31.10
N ASP B 433 -2.03 4.47 31.92
CA ASP B 433 -3.47 4.31 32.11
C ASP B 433 -4.29 5.05 31.07
N GLY B 434 -3.66 5.64 30.06
CA GLY B 434 -4.38 6.27 28.97
C GLY B 434 -4.66 7.74 29.15
N SER B 435 -4.51 8.28 30.35
CA SER B 435 -4.73 9.69 30.58
C SER B 435 -3.50 10.50 30.16
N VAL B 436 -3.69 11.80 30.10
CA VAL B 436 -2.64 12.72 29.65
C VAL B 436 -1.85 13.23 30.85
N THR B 437 -0.58 13.49 30.62
CA THR B 437 0.24 14.23 31.56
C THR B 437 1.20 15.12 30.78
N ASN B 438 1.53 16.27 31.34
CA ASN B 438 2.60 17.10 30.81
C ASN B 438 3.84 17.04 31.70
N THR B 439 3.90 16.07 32.62
CA THR B 439 5.10 15.78 33.41
C THR B 439 5.87 14.70 32.66
N LEU B 440 6.97 15.09 32.02
CA LEU B 440 7.76 14.16 31.24
C LEU B 440 8.87 13.58 32.10
N GLU B 441 9.10 12.28 31.94
CA GLU B 441 10.04 11.59 32.81
C GLU B 441 11.47 12.09 32.56
N ASN B 442 11.82 12.31 31.30
CA ASN B 442 13.16 12.72 30.93
C ASN B 442 13.09 13.90 29.99
N PRO B 443 12.90 15.11 30.52
CA PRO B 443 12.76 16.28 29.64
C PRO B 443 14.04 16.59 28.87
N GLY B 444 13.86 16.79 27.58
CA GLY B 444 14.94 17.24 26.71
C GLY B 444 16.20 16.40 26.85
N SER B 445 16.05 15.09 26.68
CA SER B 445 17.14 14.17 26.95
C SER B 445 17.71 13.52 25.69
N LEU B 446 18.95 13.06 25.84
CA LEU B 446 19.59 12.09 24.97
C LEU B 446 19.63 10.80 25.78
N ILE B 447 18.97 9.77 25.28
CA ILE B 447 18.85 8.50 25.98
C ILE B 447 19.47 7.41 25.14
N LYS B 448 20.19 6.50 25.80
CA LYS B 448 20.82 5.33 25.19
C LYS B 448 20.11 4.07 25.66
N PHE B 449 19.72 3.23 24.70
CA PHE B 449 19.10 1.94 24.97
C PHE B 449 20.03 0.87 24.42
N THR B 450 20.55 0.02 25.29
CA THR B 450 21.51 -1.02 24.91
C THR B 450 20.86 -2.40 25.01
N TYR B 451 20.85 -3.14 23.91
CA TYR B 451 20.32 -4.49 23.92
C TYR B 451 21.11 -5.36 24.89
N LYS B 452 20.39 -6.09 25.74
CA LYS B 452 21.02 -6.91 26.78
C LYS B 452 21.75 -8.12 26.20
CA CA C . -17.37 -11.67 -3.66
CA CA D . -5.72 -9.93 1.30
CA CA E . -10.51 -5.18 6.25
C4 A1H0D F . -19.82 -12.88 -8.08
C5 A1H0D F . -20.19 -11.77 -7.35
C6 A1H0D F . -19.56 -11.55 -6.13
C8 A1H0D F . -18.27 -13.45 -6.34
C10 A1H0D F . -18.52 -14.96 -8.37
C13 A1H0D F . -18.50 -16.88 -9.58
C15 A1H0D F . -20.62 -16.49 -8.13
C21 A1H0D F . -17.18 -14.29 -5.68
C24 A1H0D F . -19.91 -10.32 -5.30
C12 A1H0D F . -17.33 -16.19 -9.84
C14 A1H0D F . -19.26 -16.11 -8.65
C18 A1H0D F . -16.18 -16.51 -10.76
C2 A1H0D F . -20.44 -13.07 -9.43
C9 A1H0D F . -18.84 -13.77 -7.59
N11 A1H0D F . -17.35 -15.03 -9.10
N7 A1H0D F . -18.62 -12.37 -5.63
O1 A1H0D F . -21.69 -13.07 -9.51
O16 A1H0D F . -21.22 -17.42 -8.70
O17 A1H0D F . -21.06 -15.82 -7.15
O19 A1H0D F . -16.38 -17.35 -11.65
O20 A1H0D F . -15.11 -15.92 -10.58
O22 A1H0D F . -16.98 -15.44 -6.16
O23 A1H0D F . -16.58 -13.77 -4.68
O25 A1H0D F . -20.90 -9.65 -5.65
O26 A1H0D F . -19.17 -10.07 -4.31
O3 A1H0D F . -19.67 -13.24 -10.40
H5 A1H0D F . -20.89 -11.17 -7.67
H13 A1H0D F . -18.75 -17.75 -9.96
H11 A1H0D F . -16.71 -14.42 -9.10
LI LI G . -12.53 -32.55 -22.29
CA CA H . -2.28 15.07 14.70
CA CA I . -1.21 11.20 2.61
CA CA J . -8.86 8.66 4.68
C4 A1H0D K . 0.49 16.33 18.90
C5 A1H0D K . -0.60 15.47 18.98
C6 A1H0D K . -1.34 15.25 17.82
C8 A1H0D K . -0.01 16.67 16.58
C10 A1H0D K . 1.93 17.88 17.64
C13 A1H0D K . 3.45 19.52 18.00
C15 A1H0D K . 1.10 19.93 19.03
C21 A1H0D K . 0.19 17.27 15.20
C24 A1H0D K . -2.52 14.30 17.85
C12 A1H0D K . 4.06 18.54 17.27
C14 A1H0D K . 2.10 19.13 18.24
C18 A1H0D K . 5.48 18.41 16.77
C2 A1H0D K . 1.37 16.49 20.11
C9 A1H0D K . 0.81 16.96 17.68
N11 A1H0D K . 3.13 17.53 17.04
N7 A1H0D K . -1.06 15.83 16.65
O1 A1H0D K . 2.59 16.31 19.95
O16 A1H0D K . -0.13 19.60 18.89
O17 A1H0D K . 1.54 20.84 19.77
O19 A1H0D K . 5.72 17.50 15.97
O20 A1H0D K . 6.31 19.23 17.20
O22 A1H0D K . -0.48 16.75 14.26
O23 A1H0D K . 0.97 18.26 15.08
O25 A1H0D K . -3.01 13.99 16.75
O26 A1H0D K . -2.94 13.91 18.95
O3 A1H0D K . 0.82 16.83 21.19
H5 A1H0D K . -0.83 15.03 19.83
H13 A1H0D K . 3.87 20.36 18.30
H11 A1H0D K . 3.27 16.79 16.59
#